data_9J4L
#
_entry.id   9J4L
#
_cell.length_a   167.680
_cell.length_b   167.680
_cell.length_c   85.660
_cell.angle_alpha   90.000
_cell.angle_beta   90.000
_cell.angle_gamma   120.000
#
_symmetry.space_group_name_H-M   'P 65'
#
_entity_poly.entity_id   1
_entity_poly.type   'polypeptide(L)'
_entity_poly.pdbx_seq_one_letter_code
;PLNSPNVYDVTAWRIKGQPKVTAESDIGAVINDIIADIKKRQSTPETRPGAVVIIPPGDYDLHTQVVVDVDYLTIAGFGH
GFFSRSIKDNVDTTGWLNLQPGGSHIRVLTPPTSPQAFLVRRDGSPRLSGIVFKDFCLDGVSFVPDGNSYKNGKTGIDVA
SDNDSIHITGMGFVYLEHALIVRGADALRVHDNMVAECGNCVELTGAGQATIVSDNLMGAGPEGVTLLAENHEGLLVTGN
NFFPRGRSLLEFTGCNRCSVTSNRFQGFYPGMMRLLNGCKENLITSNHFRRGTEGFPPFIDRTNGLDDLYGVIHAMGDNN
LISNNLFAYDVPPGKIAPAGAQPTIMLIAGGDGNVIATNHVISNVDTQHVVLDGSATRSKVLDSGAASTITSYSPDTAIR
PTPH
;
_entity_poly.pdbx_strand_id   A,B,C
#
# COMPACT_ATOMS: atom_id res chain seq x y z
N PRO A 1 -0.13 -14.39 29.81
CA PRO A 1 1.09 -14.24 28.98
C PRO A 1 1.73 -12.84 29.09
N LEU A 2 0.91 -11.81 29.21
CA LEU A 2 1.39 -10.49 29.54
C LEU A 2 0.67 -10.15 30.83
N ASN A 3 1.12 -9.10 31.52
CA ASN A 3 0.55 -8.78 32.83
C ASN A 3 -0.67 -7.86 32.73
N SER A 4 -1.58 -8.16 31.81
CA SER A 4 -2.79 -7.37 31.60
C SER A 4 -4.00 -8.29 31.41
N PRO A 5 -5.15 -7.94 32.00
CA PRO A 5 -6.36 -8.75 31.82
C PRO A 5 -6.91 -8.64 30.39
N ASN A 6 -6.39 -7.70 29.60
CA ASN A 6 -6.92 -7.47 28.25
C ASN A 6 -6.26 -8.26 27.11
N VAL A 7 -5.41 -9.23 27.47
CA VAL A 7 -4.76 -10.08 26.48
C VAL A 7 -5.16 -11.54 26.70
N TYR A 8 -5.81 -12.14 25.71
CA TYR A 8 -6.28 -13.52 25.81
C TYR A 8 -5.60 -14.40 24.75
N ASP A 9 -5.01 -15.49 25.21
CA ASP A 9 -4.56 -16.58 24.34
C ASP A 9 -5.71 -17.61 24.22
N VAL A 10 -6.29 -17.80 23.02
CA VAL A 10 -7.45 -18.73 22.88
C VAL A 10 -7.13 -20.14 23.31
N THR A 11 -5.85 -20.51 23.24
CA THR A 11 -5.44 -21.86 23.66
C THR A 11 -5.33 -21.98 25.19
N ALA A 12 -5.22 -20.87 25.88
CA ALA A 12 -5.10 -20.92 27.34
C ALA A 12 -6.44 -20.70 28.05
N TRP A 13 -7.45 -20.25 27.35
CA TRP A 13 -8.70 -19.86 27.99
C TRP A 13 -9.56 -21.05 28.29
N ARG A 14 -9.86 -21.29 29.57
CA ARG A 14 -10.77 -22.37 29.96
C ARG A 14 -12.14 -21.77 30.20
N ILE A 15 -13.19 -22.33 29.60
CA ILE A 15 -14.55 -21.94 29.97
C ILE A 15 -15.04 -22.64 31.25
N LYS A 16 -15.10 -21.91 32.36
CA LYS A 16 -15.33 -22.53 33.66
C LYS A 16 -16.67 -23.27 33.65
N GLY A 17 -16.64 -24.56 33.97
CA GLY A 17 -17.82 -25.39 33.90
C GLY A 17 -18.08 -25.99 32.54
N GLN A 18 -17.19 -25.73 31.58
CA GLN A 18 -17.22 -26.47 30.31
C GLN A 18 -15.83 -26.89 29.85
N PRO A 19 -15.26 -27.90 30.50
CA PRO A 19 -13.85 -28.24 30.28
C PRO A 19 -13.58 -28.82 28.88
N LYS A 20 -14.62 -29.31 28.21
CA LYS A 20 -14.52 -29.92 26.89
C LYS A 20 -14.46 -28.89 25.75
N VAL A 21 -14.93 -27.67 26.03
CA VAL A 21 -15.05 -26.68 24.98
C VAL A 21 -13.69 -25.98 24.83
N THR A 22 -12.96 -26.31 23.78
CA THR A 22 -11.62 -25.74 23.59
C THR A 22 -11.56 -24.90 22.32
N ALA A 23 -10.46 -24.19 22.14
CA ALA A 23 -10.17 -23.53 20.87
C ALA A 23 -10.27 -24.51 19.70
N GLU A 24 -9.77 -25.73 19.89
CA GLU A 24 -9.88 -26.80 18.88
C GLU A 24 -11.32 -27.23 18.63
N SER A 25 -12.04 -27.62 19.68
CA SER A 25 -13.41 -28.13 19.52
C SER A 25 -14.43 -27.10 19.08
N ASP A 26 -14.35 -25.89 19.64
CA ASP A 26 -15.24 -24.79 19.21
C ASP A 26 -14.69 -23.42 19.60
N ILE A 27 -13.90 -22.83 18.71
CA ILE A 27 -13.19 -21.58 19.01
C ILE A 27 -14.20 -20.45 19.07
N GLY A 28 -15.34 -20.66 18.41
CA GLY A 28 -16.47 -19.75 18.48
C GLY A 28 -16.97 -19.54 19.90
N ALA A 29 -17.26 -20.64 20.59
CA ALA A 29 -17.72 -20.59 21.97
C ALA A 29 -16.63 -20.03 22.90
N VAL A 30 -15.38 -20.38 22.63
CA VAL A 30 -14.27 -19.84 23.40
C VAL A 30 -14.20 -18.31 23.31
N ILE A 31 -14.38 -17.76 22.10
CA ILE A 31 -14.22 -16.32 21.88
C ILE A 31 -15.42 -15.59 22.52
N ASN A 32 -16.61 -16.17 22.38
CA ASN A 32 -17.79 -15.58 23.02
C ASN A 32 -17.62 -15.47 24.55
N ASP A 33 -16.99 -16.47 25.16
CA ASP A 33 -16.76 -16.45 26.61
C ASP A 33 -15.71 -15.42 27.01
N ILE A 34 -14.69 -15.25 26.16
CA ILE A 34 -13.76 -14.14 26.29
C ILE A 34 -14.46 -12.78 26.21
N ILE A 35 -15.41 -12.65 25.28
CA ILE A 35 -16.20 -11.42 25.13
C ILE A 35 -16.96 -11.14 26.42
N ALA A 36 -17.61 -12.17 26.96
CA ALA A 36 -18.35 -12.05 28.22
C ALA A 36 -17.46 -11.58 29.36
N ASP A 37 -16.23 -12.09 29.42
CA ASP A 37 -15.28 -11.64 30.45
C ASP A 37 -14.90 -10.16 30.31
N ILE A 38 -14.64 -9.74 29.07
CA ILE A 38 -14.39 -8.33 28.77
C ILE A 38 -15.53 -7.42 29.28
N LYS A 39 -16.77 -7.75 28.93
CA LYS A 39 -17.94 -6.96 29.38
C LYS A 39 -18.09 -6.93 30.89
N LYS A 40 -17.74 -8.04 31.54
CA LYS A 40 -17.79 -8.15 32.99
C LYS A 40 -16.80 -7.15 33.63
N ARG A 41 -15.58 -7.14 33.17
CA ARG A 41 -14.60 -6.22 33.64
C ARG A 41 -14.79 -4.79 33.16
N GLN A 42 -15.03 -4.60 31.89
CA GLN A 42 -15.04 -3.29 31.26
C GLN A 42 -16.45 -2.72 31.27
N SER A 43 -16.77 -2.10 32.37
CA SER A 43 -18.13 -1.94 32.84
C SER A 43 -18.80 -0.61 32.71
N THR A 44 -18.06 0.43 32.42
CA THR A 44 -18.61 1.73 32.20
C THR A 44 -18.23 2.25 30.81
N PRO A 45 -18.90 3.31 30.35
CA PRO A 45 -18.50 3.87 29.05
C PRO A 45 -17.18 4.62 29.13
N GLU A 46 -16.59 4.68 30.32
CA GLU A 46 -15.24 5.23 30.42
C GLU A 46 -14.17 4.22 30.75
N THR A 47 -14.54 2.94 30.75
CA THR A 47 -13.59 1.89 31.14
C THR A 47 -13.62 0.73 30.13
N ARG A 48 -13.83 1.06 28.85
CA ARG A 48 -13.90 0.05 27.81
C ARG A 48 -12.79 0.19 26.75
N PRO A 49 -11.53 -0.08 27.11
CA PRO A 49 -10.49 0.03 26.07
C PRO A 49 -10.43 -1.13 25.06
N GLY A 50 -11.16 -2.21 25.34
CA GLY A 50 -11.20 -3.41 24.48
C GLY A 50 -10.12 -4.41 24.87
N ALA A 51 -9.77 -5.30 23.94
CA ALA A 51 -8.84 -6.38 24.23
C ALA A 51 -8.29 -6.99 22.94
N VAL A 52 -7.24 -7.79 23.06
CA VAL A 52 -6.74 -8.58 21.93
C VAL A 52 -6.91 -10.08 22.21
N VAL A 53 -7.45 -10.79 21.24
CA VAL A 53 -7.60 -12.25 21.29
C VAL A 53 -6.54 -12.86 20.35
N ILE A 54 -5.63 -13.64 20.92
CA ILE A 54 -4.48 -14.16 20.20
C ILE A 54 -4.73 -15.62 19.80
N ILE A 55 -4.50 -15.91 18.53
CA ILE A 55 -4.75 -17.22 17.98
C ILE A 55 -3.44 -17.82 17.46
N PRO A 56 -2.78 -18.67 18.24
CA PRO A 56 -1.56 -19.33 17.77
C PRO A 56 -1.82 -20.15 16.52
N PRO A 57 -0.80 -20.39 15.69
CA PRO A 57 -1.02 -21.31 14.56
C PRO A 57 -1.59 -22.66 15.03
N GLY A 58 -2.58 -23.19 14.28
CA GLY A 58 -3.22 -24.46 14.63
C GLY A 58 -4.51 -24.61 13.85
N ASP A 59 -5.16 -25.77 14.00
CA ASP A 59 -6.44 -26.06 13.35
C ASP A 59 -7.56 -26.00 14.39
N TYR A 60 -8.52 -25.11 14.18
CA TYR A 60 -9.53 -24.86 15.18
C TYR A 60 -10.88 -24.92 14.47
N ASP A 61 -11.83 -25.67 15.04
CA ASP A 61 -13.18 -25.69 14.48
C ASP A 61 -14.01 -24.59 15.13
N LEU A 62 -14.80 -23.91 14.33
CA LEU A 62 -15.77 -22.97 14.86
C LEU A 62 -17.19 -23.47 14.55
N HIS A 63 -17.94 -23.78 15.60
CA HIS A 63 -19.34 -24.18 15.46
C HIS A 63 -20.30 -23.09 15.87
N THR A 64 -19.92 -22.29 16.86
CA THR A 64 -20.77 -21.20 17.36
C THR A 64 -20.37 -19.85 16.74
N GLN A 65 -21.36 -19.16 16.18
CA GLN A 65 -21.19 -17.78 15.72
C GLN A 65 -20.63 -16.86 16.82
N VAL A 66 -19.56 -16.13 16.52
CA VAL A 66 -19.03 -15.12 17.46
C VAL A 66 -19.73 -13.80 17.17
N VAL A 67 -20.33 -13.22 18.21
CA VAL A 67 -20.97 -11.92 18.09
C VAL A 67 -20.06 -10.85 18.67
N VAL A 68 -19.50 -9.99 17.81
CA VAL A 68 -18.63 -8.93 18.29
C VAL A 68 -19.39 -7.61 18.47
N ASP A 69 -19.54 -7.20 19.71
CA ASP A 69 -20.28 -5.97 20.03
C ASP A 69 -19.54 -5.11 21.02
N VAL A 70 -18.21 -5.21 21.01
CA VAL A 70 -17.39 -4.29 21.79
C VAL A 70 -16.38 -3.54 20.92
N ASP A 71 -16.15 -2.27 21.24
CA ASP A 71 -15.21 -1.46 20.48
C ASP A 71 -13.77 -1.95 20.73
N TYR A 72 -12.92 -1.77 19.73
CA TYR A 72 -11.48 -1.98 19.92
C TYR A 72 -11.18 -3.41 20.28
N LEU A 73 -11.99 -4.35 19.79
CA LEU A 73 -11.59 -5.75 19.86
C LEU A 73 -10.66 -6.06 18.68
N THR A 74 -9.42 -6.41 19.02
CA THR A 74 -8.49 -7.04 18.08
C THR A 74 -8.49 -8.56 18.14
N ILE A 75 -8.82 -9.21 17.04
CA ILE A 75 -8.60 -10.64 16.91
C ILE A 75 -7.43 -10.91 15.95
N ALA A 76 -6.37 -11.50 16.49
CA ALA A 76 -5.08 -11.59 15.79
C ALA A 76 -4.46 -12.99 15.84
N GLY A 77 -4.05 -13.49 14.67
CA GLY A 77 -3.29 -14.73 14.57
C GLY A 77 -1.84 -14.46 14.20
N PHE A 78 -1.18 -15.46 13.62
CA PHE A 78 0.21 -15.28 13.21
C PHE A 78 0.46 -15.56 11.73
N GLY A 79 -0.61 -15.72 10.95
CA GLY A 79 -0.49 -16.32 9.62
C GLY A 79 -1.84 -16.50 8.95
N HIS A 80 -1.91 -16.08 7.69
CA HIS A 80 -3.14 -16.09 6.91
C HIS A 80 -3.42 -17.47 6.33
N GLY A 81 -2.41 -18.34 6.34
CA GLY A 81 -2.60 -19.78 6.11
C GLY A 81 -3.27 -20.21 4.80
N PHE A 82 -3.18 -19.39 3.77
CA PHE A 82 -3.89 -19.68 2.53
C PHE A 82 -3.40 -20.94 1.80
N PHE A 83 -4.35 -21.67 1.23
CA PHE A 83 -4.07 -22.93 0.51
C PHE A 83 -5.16 -23.11 -0.55
N SER A 84 -4.75 -23.47 -1.76
CA SER A 84 -5.69 -23.68 -2.86
C SER A 84 -6.50 -24.99 -2.75
N ARG A 85 -7.62 -24.92 -2.04
CA ARG A 85 -8.57 -26.02 -2.01
C ARG A 85 -9.14 -26.31 -3.40
N SER A 86 -9.24 -25.29 -4.23
CA SER A 86 -9.78 -25.45 -5.58
C SER A 86 -8.88 -26.34 -6.45
N ILE A 87 -7.58 -26.10 -6.39
CA ILE A 87 -6.63 -27.00 -7.03
C ILE A 87 -6.68 -28.39 -6.37
N LYS A 88 -6.63 -28.43 -5.04
CA LYS A 88 -6.73 -29.70 -4.33
C LYS A 88 -7.92 -30.56 -4.77
N ASP A 89 -9.11 -29.96 -4.88
CA ASP A 89 -10.32 -30.70 -5.19
C ASP A 89 -10.40 -31.21 -6.62
N ASN A 90 -9.50 -30.75 -7.49
CA ASN A 90 -9.68 -30.99 -8.90
C ASN A 90 -8.55 -31.76 -9.57
N VAL A 91 -7.49 -32.08 -8.84
CA VAL A 91 -6.35 -32.78 -9.43
C VAL A 91 -5.97 -33.99 -8.60
N ASP A 92 -4.98 -34.74 -9.08
CA ASP A 92 -4.54 -35.93 -8.38
C ASP A 92 -3.62 -35.52 -7.23
N THR A 93 -3.99 -35.86 -6.00
CA THR A 93 -3.24 -35.38 -4.86
C THR A 93 -2.35 -36.45 -4.25
N THR A 94 -1.96 -37.43 -5.06
CA THR A 94 -1.08 -38.50 -4.61
C THR A 94 0.20 -37.92 -4.02
N GLY A 95 0.52 -38.25 -2.77
CA GLY A 95 1.80 -37.86 -2.19
C GLY A 95 1.82 -36.38 -1.77
N TRP A 96 0.69 -35.73 -1.81
CA TRP A 96 0.57 -34.36 -1.37
C TRP A 96 0.83 -34.24 0.13
N LEU A 97 1.83 -33.47 0.52
CA LEU A 97 2.15 -33.30 1.94
C LEU A 97 1.18 -32.43 2.78
N ASN A 98 0.21 -31.78 2.13
CA ASN A 98 -0.81 -31.00 2.83
C ASN A 98 -2.06 -30.95 1.99
N LEU A 99 -3.21 -31.02 2.64
CA LEU A 99 -4.49 -31.06 1.92
C LEU A 99 -5.48 -29.98 2.36
N GLN A 100 -5.06 -29.07 3.24
CA GLN A 100 -5.96 -28.01 3.72
C GLN A 100 -5.15 -26.76 4.12
N PRO A 101 -5.85 -25.60 4.22
CA PRO A 101 -5.27 -24.36 4.74
C PRO A 101 -4.75 -24.49 6.17
N GLY A 102 -3.96 -23.52 6.60
CA GLY A 102 -3.34 -23.61 7.92
C GLY A 102 -3.14 -22.23 8.54
N GLY A 103 -1.92 -21.99 9.02
CA GLY A 103 -1.66 -20.80 9.85
C GLY A 103 -2.49 -20.79 11.12
N SER A 104 -3.05 -19.62 11.44
CA SER A 104 -4.03 -19.49 12.51
C SER A 104 -5.42 -19.82 11.93
N HIS A 105 -5.69 -21.12 11.89
CA HIS A 105 -6.66 -21.69 10.96
C HIS A 105 -7.98 -21.96 11.62
N ILE A 106 -8.96 -21.13 11.26
CA ILE A 106 -10.32 -21.30 11.77
C ILE A 106 -11.16 -21.96 10.69
N ARG A 107 -11.53 -23.21 10.94
CA ARG A 107 -12.50 -23.93 10.13
C ARG A 107 -13.93 -23.50 10.47
N VAL A 108 -14.61 -22.88 9.50
CA VAL A 108 -15.95 -22.35 9.74
C VAL A 108 -17.01 -23.44 9.56
N LEU A 109 -17.65 -23.83 10.67
CA LEU A 109 -18.63 -24.92 10.63
C LEU A 109 -19.93 -24.46 11.25
N THR A 110 -20.42 -23.30 10.81
CA THR A 110 -21.56 -22.65 11.42
C THR A 110 -22.87 -23.35 11.04
N PRO A 111 -23.92 -23.22 11.91
CA PRO A 111 -25.25 -23.75 11.56
C PRO A 111 -25.91 -22.91 10.47
N PRO A 112 -26.81 -23.52 9.68
CA PRO A 112 -27.43 -22.86 8.54
C PRO A 112 -28.17 -21.57 8.91
N THR A 113 -28.58 -21.46 10.17
CA THR A 113 -29.36 -20.33 10.64
C THR A 113 -28.56 -19.29 11.47
N SER A 114 -27.26 -19.49 11.61
CA SER A 114 -26.36 -18.37 11.91
C SER A 114 -25.01 -18.56 11.20
N PRO A 115 -25.03 -18.33 9.87
CA PRO A 115 -24.03 -18.75 8.91
C PRO A 115 -22.68 -18.05 9.07
N GLN A 116 -22.68 -16.82 9.58
CA GLN A 116 -21.47 -15.99 9.67
C GLN A 116 -20.62 -16.38 10.88
N ALA A 117 -19.35 -16.68 10.64
CA ALA A 117 -18.43 -17.01 11.73
C ALA A 117 -18.31 -15.86 12.73
N PHE A 118 -18.06 -14.66 12.21
CA PHE A 118 -18.05 -13.48 13.04
C PHE A 118 -19.16 -12.52 12.62
N LEU A 119 -20.06 -12.23 13.57
CA LEU A 119 -21.05 -11.19 13.38
C LEU A 119 -20.68 -9.94 14.19
N VAL A 120 -20.39 -8.85 13.48
CA VAL A 120 -20.00 -7.62 14.14
C VAL A 120 -21.18 -6.65 14.11
N ARG A 121 -21.82 -6.48 15.26
CA ARG A 121 -23.13 -5.85 15.32
C ARG A 121 -23.40 -5.34 16.72
N ARG A 122 -23.96 -4.13 16.81
CA ARG A 122 -24.32 -3.54 18.10
C ARG A 122 -25.55 -2.69 17.90
N ASP A 123 -26.61 -3.02 18.58
CA ASP A 123 -27.78 -2.19 18.51
C ASP A 123 -27.61 -1.17 19.61
N GLY A 124 -27.64 0.09 19.27
CA GLY A 124 -27.34 1.13 20.24
C GLY A 124 -26.26 2.07 19.76
N SER A 125 -25.88 3.03 20.57
CA SER A 125 -24.87 3.96 20.20
C SER A 125 -23.66 3.93 21.15
N PRO A 126 -22.53 4.45 20.71
CA PRO A 126 -22.32 4.89 19.34
C PRO A 126 -22.00 3.75 18.35
N ARG A 127 -21.52 4.10 17.17
CA ARG A 127 -21.05 3.16 16.18
C ARG A 127 -19.91 2.32 16.74
N LEU A 128 -19.89 1.04 16.46
CA LEU A 128 -18.70 0.23 16.79
C LEU A 128 -17.42 0.82 16.16
N SER A 129 -16.38 1.02 16.98
CA SER A 129 -15.19 1.72 16.53
C SER A 129 -13.92 0.86 16.71
N GLY A 130 -13.06 0.89 15.71
CA GLY A 130 -11.64 0.56 15.94
C GLY A 130 -11.42 -0.93 16.11
N ILE A 131 -12.38 -1.74 15.64
CA ILE A 131 -12.20 -3.18 15.58
C ILE A 131 -11.17 -3.62 14.52
N VAL A 132 -10.34 -4.60 14.88
CA VAL A 132 -9.21 -5.05 14.02
C VAL A 132 -9.26 -6.57 13.88
N PHE A 133 -9.38 -7.06 12.65
CA PHE A 133 -9.15 -8.48 12.35
C PHE A 133 -7.86 -8.58 11.55
N LYS A 134 -6.92 -9.41 12.02
CA LYS A 134 -5.67 -9.55 11.31
C LYS A 134 -4.95 -10.89 11.49
N ASP A 135 -4.21 -11.29 10.44
CA ASP A 135 -3.22 -12.36 10.50
C ASP A 135 -3.79 -13.72 10.88
N PHE A 136 -5.06 -13.97 10.53
CA PHE A 136 -5.61 -15.33 10.62
C PHE A 136 -6.42 -15.80 9.40
N CYS A 137 -6.76 -17.08 9.41
CA CYS A 137 -7.35 -17.73 8.24
C CYS A 137 -8.80 -18.17 8.53
N LEU A 138 -9.73 -17.73 7.69
CA LEU A 138 -11.09 -18.25 7.72
C LEU A 138 -11.38 -19.12 6.49
N ASP A 139 -11.74 -20.37 6.77
CA ASP A 139 -11.72 -21.47 5.82
C ASP A 139 -13.08 -22.22 5.93
N GLY A 140 -13.94 -22.03 4.94
CA GLY A 140 -15.24 -22.71 4.89
C GLY A 140 -15.18 -24.19 4.50
N VAL A 141 -13.96 -24.72 4.34
CA VAL A 141 -13.70 -26.16 4.31
C VAL A 141 -14.09 -26.86 3.03
N SER A 142 -15.33 -26.70 2.61
CA SER A 142 -15.90 -27.23 1.40
C SER A 142 -17.02 -26.39 0.73
N PHE A 143 -17.14 -26.56 -0.55
CA PHE A 143 -18.32 -26.17 -1.26
C PHE A 143 -19.17 -27.41 -1.60
N VAL A 144 -20.45 -27.16 -1.66
CA VAL A 144 -21.41 -28.21 -1.89
C VAL A 144 -22.33 -27.86 -3.03
N PRO A 145 -22.74 -28.88 -3.78
CA PRO A 145 -22.54 -30.32 -3.59
C PRO A 145 -21.11 -30.79 -3.92
N ASP A 146 -20.45 -30.16 -4.87
CA ASP A 146 -19.08 -30.46 -5.12
C ASP A 146 -18.27 -29.22 -4.90
N GLY A 147 -16.97 -29.42 -4.92
CA GLY A 147 -16.01 -28.36 -4.59
C GLY A 147 -16.03 -27.18 -5.56
N ASN A 148 -16.68 -27.34 -6.70
CA ASN A 148 -16.69 -26.29 -7.71
C ASN A 148 -17.92 -25.37 -7.77
N SER A 149 -18.84 -25.53 -6.82
CA SER A 149 -20.07 -24.74 -6.84
C SER A 149 -19.94 -23.35 -6.24
N TYR A 150 -18.92 -23.11 -5.42
CA TYR A 150 -18.79 -21.81 -4.72
C TYR A 150 -20.02 -21.50 -3.86
N LYS A 151 -20.57 -22.56 -3.24
CA LYS A 151 -21.79 -22.46 -2.42
C LYS A 151 -21.65 -23.24 -1.14
N ASN A 152 -21.79 -22.58 0.00
CA ASN A 152 -21.92 -23.32 1.24
C ASN A 152 -22.72 -22.55 2.28
N GLY A 153 -23.17 -21.35 1.93
CA GLY A 153 -23.96 -20.53 2.85
C GLY A 153 -23.17 -19.90 3.98
N LYS A 154 -21.84 -20.03 3.96
CA LYS A 154 -21.01 -19.48 5.04
C LYS A 154 -20.43 -18.10 4.75
N THR A 155 -20.30 -17.29 5.80
CA THR A 155 -19.66 -15.98 5.74
C THR A 155 -18.52 -15.94 6.76
N GLY A 156 -17.38 -15.35 6.38
CA GLY A 156 -16.29 -15.13 7.34
C GLY A 156 -16.58 -14.04 8.36
N ILE A 157 -16.56 -12.79 7.89
CA ILE A 157 -16.83 -11.65 8.75
C ILE A 157 -17.97 -10.83 8.19
N ASP A 158 -18.98 -10.63 9.01
CA ASP A 158 -20.14 -9.83 8.61
C ASP A 158 -20.32 -8.67 9.57
N VAL A 159 -20.06 -7.46 9.11
CA VAL A 159 -20.26 -6.27 9.94
C VAL A 159 -21.61 -5.67 9.56
N ALA A 160 -22.59 -5.80 10.45
CA ALA A 160 -23.98 -5.44 10.16
C ALA A 160 -24.41 -4.06 10.71
N SER A 161 -23.65 -3.48 11.63
CA SER A 161 -23.99 -2.15 12.19
C SER A 161 -23.08 -1.08 11.61
N ASP A 162 -23.54 0.17 11.59
CA ASP A 162 -22.69 1.28 11.17
C ASP A 162 -21.37 1.30 11.99
N ASN A 163 -20.25 1.56 11.32
CA ASN A 163 -18.94 1.42 11.97
C ASN A 163 -17.95 2.50 11.60
N ASP A 164 -16.92 2.65 12.42
CA ASP A 164 -15.89 3.68 12.20
C ASP A 164 -14.51 3.07 12.50
N SER A 165 -13.59 3.25 11.56
CA SER A 165 -12.17 2.93 11.76
C SER A 165 -11.92 1.45 12.02
N ILE A 166 -12.68 0.57 11.39
CA ILE A 166 -12.36 -0.85 11.37
C ILE A 166 -11.19 -1.13 10.41
N HIS A 167 -10.35 -2.11 10.79
CA HIS A 167 -9.13 -2.41 10.07
C HIS A 167 -9.00 -3.91 9.85
N ILE A 168 -9.05 -4.33 8.59
CA ILE A 168 -8.95 -5.76 8.25
C ILE A 168 -7.71 -5.99 7.40
N THR A 169 -6.76 -6.75 7.93
CA THR A 169 -5.42 -6.78 7.33
C THR A 169 -4.67 -8.09 7.59
N GLY A 170 -3.90 -8.54 6.60
CA GLY A 170 -3.11 -9.77 6.78
C GLY A 170 -3.96 -11.03 6.88
N MET A 171 -5.23 -10.92 6.51
CA MET A 171 -6.13 -12.05 6.56
C MET A 171 -5.92 -13.03 5.40
N GLY A 172 -6.37 -14.27 5.62
CA GLY A 172 -6.63 -15.21 4.54
C GLY A 172 -8.08 -15.65 4.65
N PHE A 173 -8.81 -15.55 3.54
CA PHE A 173 -10.13 -16.18 3.44
C PHE A 173 -10.13 -17.18 2.31
N VAL A 174 -10.72 -18.35 2.56
CA VAL A 174 -10.78 -19.39 1.53
C VAL A 174 -12.02 -20.28 1.69
N TYR A 175 -12.62 -20.62 0.55
CA TYR A 175 -13.80 -21.51 0.48
C TYR A 175 -14.98 -21.07 1.33
N LEU A 176 -15.26 -19.77 1.30
CA LEU A 176 -16.45 -19.22 1.95
C LEU A 176 -17.35 -18.67 0.87
N GLU A 177 -18.67 -18.78 1.04
CA GLU A 177 -19.56 -18.19 0.06
C GLU A 177 -19.47 -16.66 0.08
N HIS A 178 -19.30 -16.09 1.26
CA HIS A 178 -19.04 -14.65 1.45
C HIS A 178 -17.86 -14.50 2.37
N ALA A 179 -16.76 -13.92 1.90
CA ALA A 179 -15.60 -13.77 2.78
C ALA A 179 -15.83 -12.67 3.81
N LEU A 180 -16.03 -11.45 3.32
CA LEU A 180 -16.10 -10.27 4.16
C LEU A 180 -17.23 -9.38 3.71
N ILE A 181 -18.05 -8.94 4.66
CA ILE A 181 -19.16 -8.02 4.36
C ILE A 181 -19.12 -6.89 5.38
N VAL A 182 -19.13 -5.64 4.90
CA VAL A 182 -19.17 -4.53 5.83
C VAL A 182 -20.24 -3.50 5.43
N ARG A 183 -21.35 -3.48 6.18
CA ARG A 183 -22.39 -2.45 6.06
C ARG A 183 -22.01 -1.16 6.75
N GLY A 184 -22.33 -0.02 6.15
CA GLY A 184 -22.23 1.25 6.88
C GLY A 184 -20.80 1.62 7.25
N ALA A 185 -19.88 1.28 6.36
CA ALA A 185 -18.46 1.53 6.56
C ALA A 185 -18.15 3.02 6.53
N ASP A 186 -17.50 3.50 7.57
CA ASP A 186 -16.87 4.82 7.56
C ASP A 186 -15.42 4.66 7.97
N ALA A 187 -14.50 5.12 7.14
CA ALA A 187 -13.06 5.04 7.45
C ALA A 187 -12.62 3.58 7.71
N LEU A 188 -13.14 2.68 6.88
CA LEU A 188 -12.71 1.29 6.84
C LEU A 188 -11.42 1.15 6.05
N ARG A 189 -10.57 0.22 6.46
CA ARG A 189 -9.42 -0.15 5.64
C ARG A 189 -9.40 -1.66 5.50
N VAL A 190 -9.47 -2.12 4.25
CA VAL A 190 -9.30 -3.53 3.91
C VAL A 190 -7.99 -3.64 3.15
N HIS A 191 -6.93 -4.08 3.83
CA HIS A 191 -5.56 -3.82 3.39
C HIS A 191 -4.67 -5.06 3.42
N ASP A 192 -3.99 -5.35 2.31
CA ASP A 192 -2.99 -6.42 2.31
C ASP A 192 -3.59 -7.74 2.83
N ASN A 193 -4.69 -8.17 2.24
CA ASN A 193 -5.29 -9.47 2.56
C ASN A 193 -5.19 -10.43 1.38
N MET A 194 -5.35 -11.71 1.66
CA MET A 194 -5.55 -12.74 0.65
C MET A 194 -7.01 -13.23 0.69
N VAL A 195 -7.80 -12.88 -0.32
CA VAL A 195 -9.22 -13.23 -0.32
C VAL A 195 -9.54 -13.99 -1.61
N ALA A 196 -9.41 -15.31 -1.56
CA ALA A 196 -9.55 -16.08 -2.78
C ALA A 196 -10.34 -17.39 -2.62
N GLU A 197 -10.80 -17.88 -3.77
CA GLU A 197 -11.58 -19.11 -3.88
C GLU A 197 -12.80 -19.05 -2.94
N CYS A 198 -13.35 -17.86 -2.82
CA CYS A 198 -14.62 -17.62 -2.14
C CYS A 198 -15.63 -17.23 -3.22
N GLY A 199 -16.92 -17.50 -2.99
CA GLY A 199 -17.97 -17.14 -3.94
C GLY A 199 -18.03 -15.63 -4.14
N ASN A 200 -17.96 -14.90 -3.03
CA ASN A 200 -17.85 -13.44 -3.03
C ASN A 200 -16.69 -13.07 -2.10
N CYS A 201 -15.98 -11.99 -2.39
CA CYS A 201 -14.79 -11.66 -1.60
C CYS A 201 -15.02 -10.53 -0.58
N VAL A 202 -15.26 -9.32 -1.08
CA VAL A 202 -15.51 -8.16 -0.25
C VAL A 202 -16.73 -7.38 -0.74
N GLU A 203 -17.76 -7.34 0.10
CA GLU A 203 -18.98 -6.59 -0.21
C GLU A 203 -19.14 -5.41 0.73
N LEU A 204 -19.01 -4.20 0.20
CA LEU A 204 -19.23 -3.02 1.03
C LEU A 204 -20.65 -2.48 0.81
N THR A 205 -21.54 -2.81 1.74
CA THR A 205 -22.99 -2.74 1.49
C THR A 205 -23.63 -1.54 2.20
N GLY A 206 -24.84 -1.20 1.76
CA GLY A 206 -25.66 -0.21 2.46
C GLY A 206 -25.34 1.22 2.06
N ALA A 207 -24.16 1.68 2.48
CA ALA A 207 -23.61 3.00 2.15
C ALA A 207 -22.25 3.06 2.84
N GLY A 208 -21.49 4.12 2.59
CA GLY A 208 -20.17 4.25 3.21
C GLY A 208 -19.39 5.46 2.77
N GLN A 209 -18.31 5.74 3.50
CA GLN A 209 -17.54 6.97 3.36
C GLN A 209 -16.07 6.66 3.58
N ALA A 210 -15.21 7.38 2.86
CA ALA A 210 -13.82 7.55 3.24
C ALA A 210 -13.12 6.22 3.49
N THR A 211 -13.35 5.23 2.62
CA THR A 211 -12.82 3.89 2.82
C THR A 211 -11.63 3.61 1.87
N ILE A 212 -10.69 2.77 2.31
CA ILE A 212 -9.59 2.32 1.45
C ILE A 212 -9.58 0.80 1.33
N VAL A 213 -9.54 0.33 0.08
CA VAL A 213 -9.31 -1.09 -0.20
C VAL A 213 -8.02 -1.19 -1.00
N SER A 214 -6.97 -1.73 -0.38
CA SER A 214 -5.62 -1.61 -0.94
C SER A 214 -4.77 -2.84 -0.75
N ASP A 215 -3.92 -3.09 -1.75
CA ASP A 215 -2.85 -4.07 -1.65
C ASP A 215 -3.36 -5.49 -1.40
N ASN A 216 -4.60 -5.75 -1.79
CA ASN A 216 -5.17 -7.08 -1.70
C ASN A 216 -4.99 -7.97 -2.91
N LEU A 217 -4.97 -9.27 -2.65
CA LEU A 217 -5.10 -10.31 -3.66
C LEU A 217 -6.52 -10.88 -3.59
N MET A 218 -7.27 -10.80 -4.67
CA MET A 218 -8.65 -11.26 -4.62
C MET A 218 -9.09 -12.07 -5.84
N GLY A 219 -9.83 -13.16 -5.60
CA GLY A 219 -10.48 -13.94 -6.66
C GLY A 219 -11.74 -14.61 -6.17
N ALA A 220 -12.85 -14.39 -6.89
CA ALA A 220 -14.18 -14.83 -6.45
C ALA A 220 -14.71 -15.98 -7.34
N GLY A 221 -16.01 -16.26 -7.28
CA GLY A 221 -16.64 -17.29 -8.11
C GLY A 221 -17.63 -16.69 -9.10
N PRO A 222 -18.09 -17.49 -10.09
CA PRO A 222 -18.78 -16.98 -11.27
C PRO A 222 -20.14 -16.36 -10.99
N GLU A 223 -20.69 -16.61 -9.81
CA GLU A 223 -22.00 -16.06 -9.48
C GLU A 223 -21.93 -14.89 -8.52
N GLY A 224 -20.71 -14.56 -8.08
CA GLY A 224 -20.53 -13.59 -6.99
C GLY A 224 -19.58 -12.46 -7.36
N VAL A 225 -19.44 -11.50 -6.45
CA VAL A 225 -18.62 -10.34 -6.70
C VAL A 225 -17.24 -10.53 -6.06
N THR A 226 -16.26 -9.83 -6.60
CA THR A 226 -14.95 -9.79 -5.99
C THR A 226 -14.93 -8.63 -4.99
N LEU A 227 -14.86 -7.39 -5.50
CA LEU A 227 -15.23 -6.21 -4.71
C LEU A 227 -16.54 -5.64 -5.21
N LEU A 228 -17.47 -5.48 -4.26
CA LEU A 228 -18.74 -4.75 -4.44
C LEU A 228 -18.79 -3.57 -3.51
N ALA A 229 -19.26 -2.43 -4.00
CA ALA A 229 -19.61 -1.33 -3.12
C ALA A 229 -20.97 -0.76 -3.50
N GLU A 230 -21.78 -0.45 -2.48
CA GLU A 230 -23.12 0.12 -2.69
C GLU A 230 -23.12 1.50 -2.05
N ASN A 231 -23.43 2.51 -2.85
CA ASN A 231 -23.69 3.85 -2.33
C ASN A 231 -22.52 4.38 -1.53
N HIS A 232 -21.31 4.07 -1.96
CA HIS A 232 -20.14 4.62 -1.30
C HIS A 232 -19.80 5.97 -1.85
N GLU A 233 -19.34 6.87 -0.97
CA GLU A 233 -18.67 8.07 -1.47
C GLU A 233 -17.22 8.09 -1.01
N GLY A 234 -16.32 8.56 -1.88
CA GLY A 234 -14.93 8.67 -1.51
C GLY A 234 -14.24 7.37 -1.13
N LEU A 235 -14.73 6.26 -1.68
CA LEU A 235 -14.00 4.99 -1.69
C LEU A 235 -12.75 5.04 -2.59
N LEU A 236 -11.62 4.56 -2.07
CA LEU A 236 -10.36 4.49 -2.82
C LEU A 236 -9.92 3.03 -2.94
N VAL A 237 -9.75 2.58 -4.17
CA VAL A 237 -9.49 1.17 -4.46
C VAL A 237 -8.21 1.15 -5.23
N THR A 238 -7.12 0.75 -4.60
CA THR A 238 -5.80 0.97 -5.19
C THR A 238 -4.80 -0.08 -4.79
N GLY A 239 -3.87 -0.40 -5.69
CA GLY A 239 -2.84 -1.37 -5.39
C GLY A 239 -3.29 -2.81 -5.26
N ASN A 240 -4.51 -3.11 -5.71
CA ASN A 240 -5.04 -4.47 -5.63
C ASN A 240 -4.72 -5.30 -6.86
N ASN A 241 -4.68 -6.62 -6.69
CA ASN A 241 -4.52 -7.56 -7.79
C ASN A 241 -5.72 -8.49 -7.88
N PHE A 242 -6.60 -8.13 -8.78
CA PHE A 242 -7.85 -8.84 -8.91
C PHE A 242 -7.73 -9.90 -9.97
N PHE A 243 -8.00 -11.12 -9.59
CA PHE A 243 -7.99 -12.17 -10.56
C PHE A 243 -9.18 -13.08 -10.47
N PRO A 244 -9.12 -14.17 -11.23
CA PRO A 244 -10.09 -15.27 -11.03
C PRO A 244 -11.41 -15.27 -11.58
N ARG A 245 -12.31 -15.86 -10.82
CA ARG A 245 -13.56 -16.15 -11.43
C ARG A 245 -14.83 -15.47 -10.96
N GLY A 246 -14.73 -14.32 -10.37
CA GLY A 246 -15.93 -13.56 -10.02
C GLY A 246 -16.81 -13.18 -11.23
N ARG A 247 -18.14 -13.08 -11.08
CA ARG A 247 -18.96 -12.56 -12.17
C ARG A 247 -18.42 -11.22 -12.60
N SER A 248 -17.80 -10.51 -11.66
CA SER A 248 -17.21 -9.22 -11.94
C SER A 248 -16.02 -9.05 -10.97
N LEU A 249 -15.15 -8.10 -11.25
CA LEU A 249 -13.99 -7.91 -10.38
C LEU A 249 -14.17 -6.64 -9.56
N LEU A 250 -14.78 -5.64 -10.18
CA LEU A 250 -15.16 -4.43 -9.47
C LEU A 250 -16.59 -4.05 -9.84
N GLU A 251 -17.43 -3.96 -8.83
CA GLU A 251 -18.82 -3.64 -9.08
C GLU A 251 -19.24 -2.53 -8.13
N PHE A 252 -19.46 -1.34 -8.68
CA PHE A 252 -20.10 -0.24 -7.93
C PHE A 252 -21.58 -0.12 -8.30
N THR A 253 -22.43 0.10 -7.31
CA THR A 253 -23.79 0.52 -7.59
C THR A 253 -24.15 1.81 -6.83
N GLY A 254 -24.51 2.88 -7.56
CA GLY A 254 -24.81 4.19 -6.94
C GLY A 254 -23.63 4.78 -6.17
N CYS A 255 -22.42 4.54 -6.65
CA CYS A 255 -21.23 5.03 -5.96
C CYS A 255 -20.82 6.32 -6.61
N ASN A 256 -20.48 7.30 -5.79
CA ASN A 256 -20.13 8.62 -6.32
C ASN A 256 -18.79 9.12 -5.83
N ARG A 257 -18.07 9.78 -6.72
CA ARG A 257 -16.87 10.48 -6.31
C ARG A 257 -15.91 9.52 -5.62
N CYS A 258 -15.79 8.33 -6.23
CA CYS A 258 -14.84 7.31 -5.82
C CYS A 258 -13.66 7.20 -6.80
N SER A 259 -12.66 6.40 -6.43
CA SER A 259 -11.46 6.32 -7.23
C SER A 259 -10.86 4.91 -7.28
N VAL A 260 -10.59 4.45 -8.50
CA VAL A 260 -10.10 3.11 -8.75
C VAL A 260 -8.82 3.25 -9.58
N THR A 261 -7.66 3.14 -8.93
CA THR A 261 -6.44 3.52 -9.62
C THR A 261 -5.28 2.60 -9.25
N SER A 262 -4.41 2.34 -10.22
CA SER A 262 -3.20 1.53 -9.98
C SER A 262 -3.55 0.14 -9.51
N ASN A 263 -4.57 -0.47 -10.11
CA ASN A 263 -4.90 -1.87 -9.86
C ASN A 263 -4.56 -2.77 -11.03
N ARG A 264 -4.54 -4.06 -10.80
CA ARG A 264 -4.50 -5.06 -11.82
C ARG A 264 -5.74 -5.93 -11.85
N PHE A 265 -6.34 -6.03 -13.02
CA PHE A 265 -7.61 -6.73 -13.22
C PHE A 265 -7.48 -7.85 -14.26
N GLN A 266 -7.67 -9.10 -13.84
CA GLN A 266 -7.70 -10.22 -14.79
C GLN A 266 -8.98 -11.01 -14.62
N GLY A 267 -9.77 -11.11 -15.68
CA GLY A 267 -11.05 -11.83 -15.64
C GLY A 267 -11.27 -12.73 -16.84
N PHE A 268 -12.20 -13.68 -16.74
CA PHE A 268 -12.44 -14.64 -17.82
C PHE A 268 -13.82 -14.43 -18.46
N TYR A 269 -14.55 -13.41 -18.01
CA TYR A 269 -15.88 -13.11 -18.55
C TYR A 269 -16.01 -11.63 -18.88
N PRO A 270 -17.00 -11.28 -19.70
CA PRO A 270 -17.37 -9.86 -19.85
C PRO A 270 -17.84 -9.26 -18.52
N GLY A 271 -17.87 -7.93 -18.41
CA GLY A 271 -18.37 -7.24 -17.22
C GLY A 271 -17.42 -7.27 -16.03
N MET A 272 -16.11 -7.32 -16.30
CA MET A 272 -15.11 -7.31 -15.22
C MET A 272 -15.29 -6.14 -14.26
N MET A 273 -15.55 -4.95 -14.82
CA MET A 273 -15.85 -3.75 -14.02
C MET A 273 -17.22 -3.17 -14.41
N ARG A 274 -18.04 -2.88 -13.41
CA ARG A 274 -19.41 -2.46 -13.65
C ARG A 274 -19.69 -1.27 -12.77
N LEU A 275 -19.93 -0.12 -13.40
CA LEU A 275 -20.38 1.06 -12.70
C LEU A 275 -21.87 1.23 -12.97
N LEU A 276 -22.69 0.81 -12.02
CA LEU A 276 -24.10 0.56 -12.29
C LEU A 276 -24.99 1.56 -11.54
N ASN A 277 -26.18 1.83 -12.09
CA ASN A 277 -27.25 2.56 -11.38
C ASN A 277 -26.87 3.96 -10.99
N GLY A 278 -26.30 4.72 -11.93
CA GLY A 278 -26.03 6.14 -11.73
C GLY A 278 -24.77 6.43 -10.90
N CYS A 279 -23.70 5.68 -11.11
CA CYS A 279 -22.38 6.07 -10.57
C CYS A 279 -21.87 7.37 -11.20
N LYS A 280 -21.59 8.37 -10.36
CA LYS A 280 -21.23 9.71 -10.83
C LYS A 280 -19.78 10.09 -10.41
N GLU A 281 -19.07 10.77 -11.31
CA GLU A 281 -17.88 11.53 -10.90
C GLU A 281 -16.79 10.65 -10.26
N ASN A 282 -16.66 9.45 -10.81
CA ASN A 282 -15.63 8.51 -10.42
C ASN A 282 -14.42 8.57 -11.34
N LEU A 283 -13.26 8.27 -10.76
CA LEU A 283 -12.02 8.19 -11.49
C LEU A 283 -11.64 6.73 -11.66
N ILE A 284 -11.46 6.31 -12.90
CA ILE A 284 -10.98 4.97 -13.22
C ILE A 284 -9.73 5.14 -14.06
N THR A 285 -8.56 5.05 -13.44
CA THR A 285 -7.36 5.46 -14.15
C THR A 285 -6.15 4.65 -13.72
N SER A 286 -5.18 4.54 -14.62
CA SER A 286 -3.93 3.82 -14.37
C SER A 286 -4.16 2.38 -13.94
N ASN A 287 -5.16 1.73 -14.54
CA ASN A 287 -5.39 0.30 -14.33
C ASN A 287 -4.99 -0.55 -15.51
N HIS A 288 -4.69 -1.81 -15.23
CA HIS A 288 -4.40 -2.78 -16.26
C HIS A 288 -5.52 -3.80 -16.26
N PHE A 289 -6.17 -3.96 -17.41
CA PHE A 289 -7.26 -4.95 -17.57
C PHE A 289 -6.83 -6.04 -18.54
N ARG A 290 -6.97 -7.28 -18.13
CA ARG A 290 -6.81 -8.45 -18.95
C ARG A 290 -8.11 -9.27 -19.01
N ARG A 291 -8.71 -9.32 -20.20
CA ARG A 291 -9.85 -10.24 -20.39
C ARG A 291 -9.29 -11.48 -21.13
N GLY A 292 -9.38 -12.64 -20.50
CA GLY A 292 -8.85 -13.89 -21.08
C GLY A 292 -9.95 -14.94 -21.12
N THR A 293 -9.59 -16.20 -21.37
CA THR A 293 -10.56 -17.28 -21.18
C THR A 293 -10.06 -18.33 -20.20
N GLU A 294 -11.01 -19.05 -19.62
CA GLU A 294 -10.73 -20.03 -18.58
C GLU A 294 -9.73 -21.06 -19.08
N GLY A 295 -8.71 -21.37 -18.27
CA GLY A 295 -7.70 -22.37 -18.62
C GLY A 295 -7.78 -23.63 -17.76
N PHE A 296 -8.49 -23.57 -16.64
CA PHE A 296 -8.63 -24.71 -15.74
C PHE A 296 -9.87 -25.55 -16.12
N PRO A 297 -9.65 -26.76 -16.68
CA PRO A 297 -10.66 -27.65 -17.27
C PRO A 297 -11.98 -27.75 -16.52
N PRO A 298 -11.97 -27.94 -15.19
CA PRO A 298 -13.25 -28.04 -14.49
C PRO A 298 -14.18 -26.83 -14.67
N PHE A 299 -13.65 -25.69 -15.12
CA PHE A 299 -14.47 -24.48 -15.18
C PHE A 299 -14.67 -23.96 -16.61
N ILE A 300 -14.14 -24.69 -17.60
CA ILE A 300 -14.17 -24.27 -19.01
C ILE A 300 -15.55 -23.85 -19.51
N ASP A 301 -16.60 -24.48 -19.03
CA ASP A 301 -17.91 -24.11 -19.55
C ASP A 301 -18.71 -23.21 -18.63
N ARG A 302 -18.07 -22.68 -17.60
CA ARG A 302 -18.74 -21.77 -16.70
C ARG A 302 -18.78 -20.37 -17.30
N THR A 303 -19.93 -19.72 -17.17
CA THR A 303 -20.14 -18.39 -17.72
C THR A 303 -20.69 -17.50 -16.61
N ASN A 304 -20.73 -16.19 -16.82
CA ASN A 304 -21.44 -15.33 -15.88
C ASN A 304 -22.74 -14.79 -16.48
N GLY A 305 -23.07 -15.29 -17.68
CA GLY A 305 -24.33 -14.99 -18.34
C GLY A 305 -24.30 -13.79 -19.26
N LEU A 306 -23.16 -13.11 -19.35
CA LEU A 306 -23.09 -11.91 -20.18
C LEU A 306 -22.40 -12.16 -21.50
N ASP A 307 -22.71 -11.34 -22.50
CA ASP A 307 -22.02 -11.45 -23.78
C ASP A 307 -20.90 -10.44 -23.89
N ASP A 308 -20.10 -10.55 -24.95
CA ASP A 308 -18.95 -9.68 -25.16
C ASP A 308 -19.27 -8.25 -25.58
N LEU A 309 -20.56 -7.96 -25.80
CA LEU A 309 -20.99 -6.61 -26.10
C LEU A 309 -21.30 -5.84 -24.79
N TYR A 310 -21.30 -6.55 -23.68
CA TYR A 310 -21.58 -5.90 -22.40
C TYR A 310 -20.44 -4.92 -22.01
N GLY A 311 -19.21 -5.25 -22.41
CA GLY A 311 -18.04 -4.46 -22.03
C GLY A 311 -17.11 -5.10 -21.02
N VAL A 312 -15.80 -4.88 -21.21
CA VAL A 312 -14.86 -5.06 -20.12
C VAL A 312 -15.18 -4.08 -19.00
N ILE A 313 -15.38 -2.81 -19.37
CA ILE A 313 -15.98 -1.82 -18.48
C ILE A 313 -17.39 -1.48 -18.90
N HIS A 314 -18.33 -1.59 -17.97
CA HIS A 314 -19.70 -1.20 -18.23
C HIS A 314 -20.08 -0.08 -17.30
N ALA A 315 -20.40 1.08 -17.88
CA ALA A 315 -20.62 2.31 -17.09
C ALA A 315 -21.99 2.94 -17.37
N MET A 316 -22.76 3.16 -16.32
CA MET A 316 -24.02 3.91 -16.37
C MET A 316 -24.00 5.02 -15.30
N GLY A 317 -23.74 6.25 -15.73
CA GLY A 317 -23.69 7.40 -14.83
C GLY A 317 -23.05 8.61 -15.48
N ASP A 318 -22.82 9.66 -14.69
CA ASP A 318 -22.38 10.94 -15.23
C ASP A 318 -20.92 11.24 -14.89
N ASN A 319 -20.21 11.89 -15.83
CA ASN A 319 -19.00 12.61 -15.48
C ASN A 319 -17.92 11.77 -14.84
N ASN A 320 -17.83 10.51 -15.28
CA ASN A 320 -16.72 9.64 -14.91
C ASN A 320 -15.55 9.87 -15.85
N LEU A 321 -14.34 9.79 -15.32
CA LEU A 321 -13.15 9.85 -16.14
C LEU A 321 -12.51 8.48 -16.21
N ILE A 322 -12.49 7.93 -17.42
CA ILE A 322 -11.92 6.60 -17.67
C ILE A 322 -10.69 6.73 -18.56
N SER A 323 -9.52 6.77 -17.93
CA SER A 323 -8.34 7.25 -18.62
C SER A 323 -7.12 6.47 -18.26
N ASN A 324 -6.18 6.44 -19.19
CA ASN A 324 -4.84 5.98 -18.92
C ASN A 324 -4.84 4.54 -18.43
N ASN A 325 -5.70 3.72 -19.04
CA ASN A 325 -5.74 2.29 -18.78
C ASN A 325 -5.23 1.47 -19.97
N LEU A 326 -4.76 0.26 -19.69
CA LEU A 326 -4.43 -0.67 -20.75
C LEU A 326 -5.43 -1.83 -20.69
N PHE A 327 -5.93 -2.24 -21.85
CA PHE A 327 -6.85 -3.40 -21.93
C PHE A 327 -6.28 -4.41 -22.91
N ALA A 328 -6.02 -5.62 -22.43
CA ALA A 328 -5.47 -6.67 -23.26
C ALA A 328 -6.52 -7.79 -23.37
N TYR A 329 -7.12 -7.87 -24.56
CA TYR A 329 -8.29 -8.71 -24.76
C TYR A 329 -7.86 -9.95 -25.57
N ASP A 330 -7.93 -11.12 -24.97
CA ASP A 330 -7.64 -12.33 -25.75
C ASP A 330 -8.64 -13.45 -25.57
N VAL A 331 -9.57 -13.55 -26.51
CA VAL A 331 -10.63 -14.56 -26.43
C VAL A 331 -10.86 -15.23 -27.79
N PRO A 332 -10.64 -16.56 -27.85
CA PRO A 332 -10.79 -17.27 -29.12
C PRO A 332 -12.17 -17.05 -29.73
N PRO A 333 -12.22 -16.84 -31.06
CA PRO A 333 -13.48 -16.53 -31.77
C PRO A 333 -14.61 -17.49 -31.39
N GLY A 334 -14.26 -18.78 -31.23
CA GLY A 334 -15.24 -19.80 -30.90
C GLY A 334 -15.78 -19.67 -29.48
N LYS A 335 -15.22 -18.74 -28.70
CA LYS A 335 -15.62 -18.54 -27.32
C LYS A 335 -16.34 -17.22 -27.14
N ILE A 336 -16.44 -16.44 -28.21
CA ILE A 336 -17.06 -15.14 -28.09
C ILE A 336 -18.57 -15.24 -28.28
N ALA A 337 -19.32 -14.46 -27.51
CA ALA A 337 -20.78 -14.52 -27.57
C ALA A 337 -21.35 -13.12 -27.73
N PRO A 338 -22.38 -12.96 -28.60
CA PRO A 338 -22.88 -13.97 -29.53
C PRO A 338 -21.88 -14.22 -30.63
N ALA A 339 -21.90 -15.43 -31.20
CA ALA A 339 -20.98 -15.88 -32.25
C ALA A 339 -20.80 -14.83 -33.34
N GLY A 340 -19.55 -14.49 -33.65
CA GLY A 340 -19.26 -13.56 -34.74
C GLY A 340 -19.25 -12.10 -34.34
N ALA A 341 -19.63 -11.79 -33.10
CA ALA A 341 -19.66 -10.40 -32.60
C ALA A 341 -18.26 -9.77 -32.47
N GLN A 342 -18.16 -8.46 -32.73
CA GLN A 342 -16.99 -7.67 -32.29
C GLN A 342 -17.18 -7.39 -30.83
N PRO A 343 -16.24 -7.83 -29.98
CA PRO A 343 -16.29 -7.49 -28.55
C PRO A 343 -16.16 -5.99 -28.33
N THR A 344 -16.80 -5.51 -27.27
CA THR A 344 -16.69 -4.11 -26.83
C THR A 344 -15.78 -4.04 -25.60
N ILE A 345 -14.88 -3.07 -25.56
CA ILE A 345 -13.96 -2.94 -24.41
C ILE A 345 -14.58 -2.04 -23.34
N MET A 346 -14.87 -0.81 -23.70
CA MET A 346 -15.51 0.11 -22.78
C MET A 346 -16.85 0.49 -23.37
N LEU A 347 -17.93 0.23 -22.62
CA LEU A 347 -19.28 0.60 -23.01
C LEU A 347 -19.82 1.67 -22.06
N ILE A 348 -20.06 2.86 -22.58
CA ILE A 348 -20.91 3.84 -21.92
C ILE A 348 -22.41 3.60 -22.20
N ALA A 349 -23.08 2.93 -21.26
CA ALA A 349 -24.46 2.50 -21.42
C ALA A 349 -25.43 3.66 -21.24
N GLY A 350 -24.97 4.78 -20.70
CA GLY A 350 -25.82 5.96 -20.52
C GLY A 350 -25.18 6.98 -19.61
N GLY A 351 -25.72 8.20 -19.61
CA GLY A 351 -25.23 9.23 -18.70
C GLY A 351 -24.61 10.41 -19.42
N ASP A 352 -24.30 11.45 -18.66
CA ASP A 352 -23.89 12.72 -19.22
C ASP A 352 -22.41 13.07 -18.86
N GLY A 353 -21.63 13.54 -19.84
CA GLY A 353 -20.31 14.12 -19.54
C GLY A 353 -19.16 13.16 -19.26
N ASN A 354 -19.36 11.86 -19.47
CA ASN A 354 -18.26 10.88 -19.34
C ASN A 354 -17.10 11.18 -20.29
N VAL A 355 -15.87 10.93 -19.83
CA VAL A 355 -14.67 11.25 -20.60
C VAL A 355 -13.77 10.02 -20.62
N ILE A 356 -13.56 9.46 -21.80
CA ILE A 356 -12.63 8.35 -22.02
C ILE A 356 -11.38 8.87 -22.72
N ALA A 357 -10.20 8.67 -22.12
CA ALA A 357 -8.99 9.33 -22.64
C ALA A 357 -7.72 8.51 -22.47
N THR A 358 -6.92 8.44 -23.52
CA THR A 358 -5.59 7.85 -23.46
C THR A 358 -5.62 6.39 -22.96
N ASN A 359 -6.39 5.55 -23.62
CA ASN A 359 -6.48 4.14 -23.27
C ASN A 359 -5.88 3.30 -24.40
N HIS A 360 -5.07 2.31 -24.05
CA HIS A 360 -4.49 1.41 -25.05
C HIS A 360 -5.16 0.05 -25.08
N VAL A 361 -5.75 -0.32 -26.22
CA VAL A 361 -6.41 -1.61 -26.37
C VAL A 361 -5.63 -2.52 -27.33
N ILE A 362 -5.33 -3.74 -26.90
CA ILE A 362 -4.87 -4.78 -27.83
C ILE A 362 -5.81 -5.97 -27.76
N SER A 363 -6.33 -6.41 -28.91
CA SER A 363 -7.23 -7.56 -28.94
C SER A 363 -6.86 -8.58 -30.04
N ASN A 364 -7.10 -9.87 -29.79
CA ASN A 364 -6.83 -10.90 -30.80
C ASN A 364 -7.76 -10.82 -32.02
N VAL A 365 -8.99 -10.38 -31.81
CA VAL A 365 -9.94 -10.16 -32.90
C VAL A 365 -10.23 -8.66 -32.96
N ASP A 366 -10.87 -8.20 -34.04
CA ASP A 366 -11.31 -6.80 -34.10
C ASP A 366 -12.30 -6.54 -32.98
N THR A 367 -12.09 -5.44 -32.27
CA THR A 367 -12.99 -5.01 -31.21
C THR A 367 -13.41 -3.57 -31.42
N GLN A 368 -14.50 -3.16 -30.77
CA GLN A 368 -14.75 -1.74 -30.58
C GLN A 368 -14.17 -1.29 -29.23
N HIS A 369 -13.18 -0.40 -29.26
CA HIS A 369 -12.56 0.09 -28.02
C HIS A 369 -13.58 0.75 -27.13
N VAL A 370 -14.38 1.64 -27.71
CA VAL A 370 -15.43 2.36 -26.98
C VAL A 370 -16.77 2.31 -27.72
N VAL A 371 -17.84 1.93 -27.02
CA VAL A 371 -19.18 2.05 -27.59
C VAL A 371 -19.98 2.96 -26.68
N LEU A 372 -20.63 3.95 -27.27
CA LEU A 372 -21.48 4.84 -26.51
C LEU A 372 -22.96 4.67 -26.89
N ASP A 373 -23.77 4.35 -25.90
CA ASP A 373 -25.22 4.30 -26.06
C ASP A 373 -25.83 5.56 -26.66
N GLY A 374 -26.88 5.37 -27.44
CA GLY A 374 -27.65 6.47 -28.01
C GLY A 374 -28.10 7.53 -27.03
N SER A 375 -28.42 7.16 -25.79
CA SER A 375 -28.85 8.16 -24.79
C SER A 375 -27.70 8.94 -24.12
N ALA A 376 -26.45 8.52 -24.32
CA ALA A 376 -25.31 9.23 -23.71
C ALA A 376 -25.24 10.68 -24.23
N THR A 377 -24.89 11.62 -23.36
CA THR A 377 -24.84 13.03 -23.75
C THR A 377 -23.49 13.63 -23.32
N ARG A 378 -22.94 14.52 -24.13
CA ARG A 378 -21.74 15.30 -23.84
C ARG A 378 -20.54 14.42 -23.55
N SER A 379 -20.42 13.32 -24.28
CA SER A 379 -19.30 12.41 -24.06
C SER A 379 -18.05 12.87 -24.81
N LYS A 380 -16.88 12.56 -24.26
CA LYS A 380 -15.60 12.77 -24.96
C LYS A 380 -14.83 11.46 -25.03
N VAL A 381 -14.29 11.19 -26.22
CA VAL A 381 -13.43 10.04 -26.43
C VAL A 381 -12.14 10.54 -27.07
N LEU A 382 -11.05 10.40 -26.34
CA LEU A 382 -9.78 10.95 -26.76
C LEU A 382 -8.74 9.83 -26.77
N ASP A 383 -8.07 9.65 -27.89
CA ASP A 383 -6.86 8.83 -27.93
C ASP A 383 -7.09 7.44 -27.30
N SER A 384 -8.24 6.87 -27.58
CA SER A 384 -8.56 5.55 -27.08
C SER A 384 -8.87 4.58 -28.21
N GLY A 385 -8.33 4.90 -29.39
CA GLY A 385 -8.45 4.02 -30.56
C GLY A 385 -8.53 4.82 -31.86
N ALA A 386 -8.27 4.15 -32.98
CA ALA A 386 -8.58 4.72 -34.29
C ALA A 386 -10.08 4.95 -34.45
N ALA A 387 -10.46 5.82 -35.39
CA ALA A 387 -11.87 6.07 -35.68
C ALA A 387 -12.73 4.81 -35.83
N SER A 388 -12.16 3.78 -36.46
CA SER A 388 -12.90 2.55 -36.75
C SER A 388 -13.17 1.74 -35.47
N THR A 389 -12.49 2.06 -34.39
CA THR A 389 -12.66 1.35 -33.13
C THR A 389 -13.63 2.08 -32.15
N ILE A 390 -14.01 3.28 -32.50
CA ILE A 390 -15.00 4.03 -31.73
C ILE A 390 -16.40 4.04 -32.34
N THR A 391 -17.41 3.63 -31.58
CA THR A 391 -18.76 3.75 -32.08
C THR A 391 -19.61 4.55 -31.13
N SER A 392 -20.05 5.71 -31.60
CA SER A 392 -21.01 6.51 -30.85
C SER A 392 -22.37 6.50 -31.49
N TYR A 393 -23.36 5.91 -30.81
CA TYR A 393 -24.73 5.99 -31.25
C TYR A 393 -25.38 7.27 -30.80
N SER A 394 -24.78 7.95 -29.83
CA SER A 394 -25.17 9.32 -29.50
C SER A 394 -24.60 10.28 -30.55
N PRO A 395 -25.37 11.31 -30.93
CA PRO A 395 -24.85 12.18 -31.97
C PRO A 395 -23.96 13.30 -31.44
N ASP A 396 -23.84 13.46 -30.12
CA ASP A 396 -23.05 14.58 -29.60
C ASP A 396 -21.69 14.24 -28.99
N THR A 397 -21.19 13.03 -29.22
CA THR A 397 -19.91 12.62 -28.68
C THR A 397 -18.79 13.28 -29.48
N ALA A 398 -17.89 13.98 -28.80
CA ALA A 398 -16.66 14.48 -29.44
C ALA A 398 -15.60 13.39 -29.43
N ILE A 399 -15.07 13.04 -30.59
CA ILE A 399 -14.10 11.96 -30.73
C ILE A 399 -12.80 12.46 -31.38
N ARG A 400 -11.68 12.32 -30.67
CA ARG A 400 -10.38 12.41 -31.32
C ARG A 400 -9.76 11.01 -31.49
N PRO A 401 -9.62 10.55 -32.75
CA PRO A 401 -8.94 9.27 -33.00
C PRO A 401 -7.49 9.30 -32.50
N THR A 402 -6.99 8.17 -32.06
CA THR A 402 -5.56 7.98 -31.94
C THR A 402 -4.96 8.26 -33.32
N PRO A 403 -3.97 9.17 -33.40
CA PRO A 403 -3.35 9.53 -34.69
C PRO A 403 -2.84 8.33 -35.48
N HIS A 404 -2.75 8.52 -36.80
CA HIS A 404 -2.51 7.48 -37.83
C HIS A 404 -3.23 6.17 -37.76
N PRO B 1 8.26 -12.78 29.83
CA PRO B 1 7.37 -12.97 28.68
C PRO B 1 7.99 -13.86 27.57
N LEU B 2 9.05 -13.37 26.96
CA LEU B 2 9.96 -14.23 26.20
C LEU B 2 11.27 -14.37 26.97
N ASN B 3 12.15 -15.24 26.50
CA ASN B 3 13.42 -15.45 27.17
C ASN B 3 14.50 -14.43 26.76
N SER B 4 14.12 -13.17 26.58
CA SER B 4 15.06 -12.15 26.14
C SER B 4 14.93 -10.87 26.98
N PRO B 5 16.07 -10.28 27.37
CA PRO B 5 15.94 -9.04 28.15
C PRO B 5 15.57 -7.86 27.24
N ASN B 6 15.55 -8.09 25.93
CA ASN B 6 15.16 -7.02 25.00
C ASN B 6 13.67 -6.99 24.65
N VAL B 7 12.85 -7.66 25.44
CA VAL B 7 11.41 -7.60 25.22
C VAL B 7 10.76 -7.14 26.51
N TYR B 8 10.10 -5.98 26.47
CA TYR B 8 9.46 -5.47 27.68
C TYR B 8 7.94 -5.41 27.57
N ASP B 9 7.26 -5.81 28.64
CA ASP B 9 5.82 -5.65 28.78
C ASP B 9 5.56 -4.48 29.77
N VAL B 10 4.93 -3.40 29.30
CA VAL B 10 4.76 -2.23 30.17
C VAL B 10 3.94 -2.50 31.41
N THR B 11 3.08 -3.52 31.38
CA THR B 11 2.20 -3.74 32.51
C THR B 11 2.90 -4.60 33.54
N ALA B 12 4.11 -5.05 33.22
CA ALA B 12 4.86 -5.95 34.11
C ALA B 12 6.10 -5.26 34.66
N TRP B 13 6.45 -4.12 34.11
CA TRP B 13 7.69 -3.48 34.48
C TRP B 13 7.52 -2.67 35.73
N ARG B 14 8.40 -2.84 36.71
CA ARG B 14 8.36 -1.97 37.89
C ARG B 14 9.60 -1.09 38.05
N ILE B 15 9.38 0.18 38.40
CA ILE B 15 10.47 1.15 38.49
C ILE B 15 11.14 1.06 39.86
N LYS B 16 12.39 0.59 39.88
CA LYS B 16 13.19 0.54 41.11
C LYS B 16 13.23 1.91 41.77
N GLY B 17 12.77 1.98 43.02
CA GLY B 17 12.79 3.26 43.72
C GLY B 17 11.47 4.00 43.60
N GLN B 18 10.62 3.55 42.67
CA GLN B 18 9.29 4.14 42.53
C GLN B 18 8.24 3.07 42.35
N PRO B 19 8.11 2.20 43.36
CA PRO B 19 7.29 0.98 43.26
C PRO B 19 5.81 1.24 42.92
N LYS B 20 5.29 2.42 43.22
CA LYS B 20 3.87 2.69 43.03
C LYS B 20 3.52 3.19 41.63
N VAL B 21 4.50 3.72 40.90
CA VAL B 21 4.26 4.14 39.51
C VAL B 21 3.87 2.94 38.63
N THR B 22 2.72 3.01 37.99
CA THR B 22 2.31 1.97 37.05
C THR B 22 2.17 2.48 35.60
N ALA B 23 1.97 1.56 34.67
CA ALA B 23 1.74 1.94 33.29
C ALA B 23 0.42 2.72 33.17
N GLU B 24 -0.56 2.38 34.01
CA GLU B 24 -1.82 3.11 34.11
C GLU B 24 -1.65 4.56 34.62
N SER B 25 -0.82 4.73 35.65
CA SER B 25 -0.64 6.04 36.29
C SER B 25 0.34 6.95 35.53
N ASP B 26 1.45 6.39 35.04
CA ASP B 26 2.37 7.16 34.18
C ASP B 26 3.19 6.29 33.22
N ILE B 27 2.59 5.91 32.10
CA ILE B 27 3.28 5.05 31.14
C ILE B 27 4.56 5.69 30.62
N GLY B 28 4.59 7.03 30.60
CA GLY B 28 5.79 7.77 30.19
C GLY B 28 6.97 7.50 31.11
N ALA B 29 6.74 7.54 32.42
CA ALA B 29 7.83 7.20 33.36
C ALA B 29 8.27 5.75 33.16
N VAL B 30 7.32 4.87 32.88
CA VAL B 30 7.63 3.44 32.69
C VAL B 30 8.54 3.21 31.48
N ILE B 31 8.20 3.82 30.34
CA ILE B 31 8.99 3.65 29.11
C ILE B 31 10.40 4.25 29.26
N ASN B 32 10.47 5.47 29.80
CA ASN B 32 11.77 6.05 30.17
C ASN B 32 12.63 5.12 31.02
N ASP B 33 12.05 4.52 32.05
CA ASP B 33 12.79 3.53 32.86
C ASP B 33 13.21 2.26 32.07
N ILE B 34 12.31 1.76 31.23
CA ILE B 34 12.66 0.73 30.23
C ILE B 34 13.87 1.17 29.38
N ILE B 35 13.78 2.38 28.82
CA ILE B 35 14.85 2.87 27.96
C ILE B 35 16.20 2.96 28.68
N ALA B 36 16.18 3.34 29.96
CA ALA B 36 17.43 3.41 30.72
C ALA B 36 18.02 2.01 30.91
N ASP B 37 17.15 1.01 31.07
CA ASP B 37 17.60 -0.39 31.26
C ASP B 37 18.27 -0.91 29.99
N ILE B 38 17.70 -0.55 28.85
CA ILE B 38 18.28 -0.84 27.55
C ILE B 38 19.67 -0.22 27.45
N LYS B 39 19.79 1.05 27.85
CA LYS B 39 21.06 1.77 27.71
C LYS B 39 22.12 1.26 28.67
N LYS B 40 21.67 0.85 29.86
CA LYS B 40 22.54 0.16 30.81
C LYS B 40 23.12 -1.14 30.24
N ARG B 41 22.28 -2.02 29.68
CA ARG B 41 22.78 -3.31 29.17
C ARG B 41 23.50 -3.19 27.84
N GLN B 42 23.01 -2.33 26.96
CA GLN B 42 23.58 -2.23 25.64
C GLN B 42 24.64 -1.13 25.63
N SER B 43 25.85 -1.49 26.08
CA SER B 43 26.84 -0.52 26.57
C SER B 43 27.83 -0.08 25.51
N THR B 44 27.87 -0.74 24.37
CA THR B 44 28.92 -0.45 23.39
C THR B 44 28.32 -0.26 22.01
N PRO B 45 29.02 0.48 21.12
CA PRO B 45 28.54 0.70 19.77
C PRO B 45 28.35 -0.57 18.92
N GLU B 46 28.76 -1.72 19.44
CA GLU B 46 28.57 -2.97 18.71
C GLU B 46 27.59 -3.92 19.38
N THR B 47 27.03 -3.51 20.51
CA THR B 47 26.08 -4.33 21.26
C THR B 47 24.76 -3.58 21.53
N ARG B 48 24.33 -2.79 20.56
CA ARG B 48 23.10 -2.01 20.66
C ARG B 48 22.04 -2.38 19.61
N PRO B 49 21.48 -3.62 19.71
CA PRO B 49 20.45 -4.06 18.76
C PRO B 49 19.04 -3.46 18.99
N GLY B 50 18.81 -2.77 20.10
CA GLY B 50 17.49 -2.20 20.34
C GLY B 50 16.60 -3.14 21.14
N ALA B 51 15.28 -2.97 21.05
CA ALA B 51 14.34 -3.67 21.94
C ALA B 51 12.89 -3.36 21.54
N VAL B 52 11.96 -4.05 22.14
CA VAL B 52 10.56 -3.84 21.94
C VAL B 52 9.83 -3.57 23.23
N VAL B 53 8.99 -2.56 23.21
CA VAL B 53 8.16 -2.28 24.35
C VAL B 53 6.73 -2.57 23.94
N ILE B 54 6.14 -3.55 24.59
CA ILE B 54 4.79 -3.94 24.23
C ILE B 54 3.69 -3.35 25.11
N ILE B 55 2.65 -2.85 24.47
CA ILE B 55 1.58 -2.16 25.20
C ILE B 55 0.27 -2.90 24.99
N PRO B 56 -0.16 -3.67 26.01
CA PRO B 56 -1.43 -4.38 25.96
C PRO B 56 -2.55 -3.36 25.82
N PRO B 57 -3.69 -3.79 25.28
CA PRO B 57 -4.86 -2.91 25.28
C PRO B 57 -5.21 -2.48 26.72
N GLY B 58 -5.66 -1.23 26.89
CA GLY B 58 -5.84 -0.67 28.24
C GLY B 58 -5.84 0.84 28.18
N ASP B 59 -6.24 1.50 29.26
CA ASP B 59 -6.14 2.95 29.36
C ASP B 59 -4.94 3.35 30.19
N TYR B 60 -4.05 4.14 29.59
CA TYR B 60 -2.81 4.54 30.23
C TYR B 60 -2.70 6.04 30.13
N ASP B 61 -2.48 6.68 31.28
CA ASP B 61 -2.08 8.09 31.30
C ASP B 61 -0.57 8.26 31.08
N LEU B 62 -0.22 9.17 30.18
CA LEU B 62 1.15 9.63 30.04
C LEU B 62 1.34 11.06 30.57
N HIS B 63 2.10 11.18 31.66
CA HIS B 63 2.47 12.46 32.28
C HIS B 63 3.87 12.88 31.96
N THR B 64 4.80 11.93 31.95
CA THR B 64 6.18 12.25 31.57
C THR B 64 6.48 11.96 30.11
N GLN B 65 7.02 12.97 29.43
CA GLN B 65 7.47 12.82 28.05
C GLN B 65 8.52 11.71 27.95
N VAL B 66 8.33 10.80 26.99
CA VAL B 66 9.31 9.75 26.71
C VAL B 66 10.35 10.28 25.73
N VAL B 67 11.63 10.19 26.11
CA VAL B 67 12.68 10.57 25.18
C VAL B 67 13.26 9.32 24.53
N VAL B 68 13.10 9.18 23.21
CA VAL B 68 13.63 8.02 22.51
C VAL B 68 14.95 8.35 21.83
N ASP B 69 16.05 7.81 22.36
CA ASP B 69 17.37 8.10 21.81
C ASP B 69 18.21 6.84 21.59
N VAL B 70 17.54 5.74 21.27
CA VAL B 70 18.27 4.52 20.92
C VAL B 70 17.75 4.04 19.58
N ASP B 71 18.66 3.59 18.72
CA ASP B 71 18.30 2.92 17.48
C ASP B 71 17.43 1.67 17.69
N TYR B 72 16.62 1.33 16.69
CA TYR B 72 15.88 0.06 16.72
C TYR B 72 15.04 -0.13 17.97
N LEU B 73 14.49 0.95 18.52
CA LEU B 73 13.39 0.78 19.49
C LEU B 73 12.06 0.57 18.76
N THR B 74 11.33 -0.47 19.16
CA THR B 74 9.95 -0.65 18.69
C THR B 74 8.99 -0.47 19.87
N ILE B 75 7.99 0.38 19.71
CA ILE B 75 6.91 0.50 20.68
C ILE B 75 5.66 0.02 19.97
N ALA B 76 5.09 -1.08 20.43
CA ALA B 76 3.97 -1.72 19.75
C ALA B 76 2.83 -2.04 20.71
N GLY B 77 1.60 -1.71 20.29
CA GLY B 77 0.40 -2.18 20.97
C GLY B 77 -0.36 -3.20 20.16
N PHE B 78 -1.66 -3.30 20.37
CA PHE B 78 -2.44 -4.33 19.69
C PHE B 78 -3.66 -3.78 18.97
N GLY B 79 -3.79 -2.46 18.92
CA GLY B 79 -4.92 -1.81 18.27
C GLY B 79 -4.82 -0.29 18.27
N HIS B 80 -5.23 0.33 17.17
CA HIS B 80 -5.14 1.79 17.00
C HIS B 80 -6.22 2.55 17.73
N GLY B 81 -7.32 1.87 18.06
CA GLY B 81 -8.24 2.35 19.10
C GLY B 81 -8.97 3.64 18.80
N PHE B 82 -9.08 4.01 17.52
CA PHE B 82 -9.61 5.33 17.17
C PHE B 82 -11.10 5.48 17.51
N PHE B 83 -11.45 6.66 18.04
CA PHE B 83 -12.83 6.97 18.40
C PHE B 83 -13.09 8.43 18.06
N SER B 84 -14.23 8.73 17.46
CA SER B 84 -14.58 10.11 17.16
C SER B 84 -14.98 10.93 18.40
N ARG B 85 -13.98 11.54 19.04
CA ARG B 85 -14.21 12.50 20.12
C ARG B 85 -15.00 13.72 19.62
N SER B 86 -14.72 14.15 18.39
CA SER B 86 -15.40 15.29 17.82
C SER B 86 -16.91 15.10 17.75
N ILE B 87 -17.38 13.94 17.29
CA ILE B 87 -18.81 13.64 17.37
C ILE B 87 -19.29 13.61 18.82
N LYS B 88 -18.54 12.94 19.69
CA LYS B 88 -18.88 12.86 21.10
C LYS B 88 -19.07 14.27 21.68
N ASP B 89 -18.16 15.18 21.37
CA ASP B 89 -18.14 16.50 22.01
C ASP B 89 -19.28 17.38 21.55
N ASN B 90 -19.99 16.98 20.49
CA ASN B 90 -20.91 17.87 19.84
C ASN B 90 -22.33 17.35 19.77
N VAL B 91 -22.56 16.15 20.26
CA VAL B 91 -23.91 15.59 20.21
C VAL B 91 -24.36 15.10 21.58
N ASP B 92 -25.62 14.72 21.68
CA ASP B 92 -26.19 14.17 22.91
C ASP B 92 -25.72 12.72 23.05
N THR B 93 -24.93 12.44 24.09
CA THR B 93 -24.36 11.11 24.24
C THR B 93 -25.11 10.30 25.29
N THR B 94 -26.34 10.69 25.56
CA THR B 94 -27.18 9.99 26.52
C THR B 94 -27.35 8.55 26.06
N GLY B 95 -26.93 7.61 26.88
CA GLY B 95 -27.03 6.22 26.52
C GLY B 95 -25.89 5.66 25.65
N TRP B 96 -24.82 6.38 25.54
CA TRP B 96 -23.67 5.93 24.78
C TRP B 96 -22.90 4.87 25.55
N LEU B 97 -22.55 3.82 24.85
CA LEU B 97 -21.87 2.71 25.43
C LEU B 97 -20.37 2.93 25.56
N ASN B 98 -19.82 3.91 24.88
CA ASN B 98 -18.40 4.27 25.04
C ASN B 98 -18.23 5.74 24.78
N LEU B 99 -17.24 6.34 25.45
CA LEU B 99 -17.08 7.80 25.45
C LEU B 99 -15.66 8.27 25.13
N GLN B 100 -14.76 7.33 24.83
CA GLN B 100 -13.36 7.68 24.60
C GLN B 100 -12.64 6.64 23.73
N PRO B 101 -11.51 7.03 23.13
CA PRO B 101 -10.70 6.04 22.41
C PRO B 101 -10.22 4.91 23.33
N GLY B 102 -9.81 3.79 22.71
CA GLY B 102 -9.27 2.63 23.41
C GLY B 102 -8.14 1.97 22.63
N GLY B 103 -8.22 0.66 22.45
CA GLY B 103 -7.07 -0.13 22.02
C GLY B 103 -5.92 -0.07 23.03
N SER B 104 -4.70 0.06 22.52
CA SER B 104 -3.53 0.28 23.37
C SER B 104 -3.41 1.79 23.57
N HIS B 105 -4.15 2.30 24.54
CA HIS B 105 -4.64 3.68 24.57
C HIS B 105 -3.81 4.55 25.51
N ILE B 106 -2.99 5.41 24.93
CA ILE B 106 -2.19 6.32 25.71
C ILE B 106 -2.84 7.70 25.70
N ARG B 107 -3.38 8.11 26.86
CA ARG B 107 -3.89 9.47 27.08
C ARG B 107 -2.75 10.47 27.35
N VAL B 108 -2.58 11.42 26.42
CA VAL B 108 -1.44 12.31 26.45
C VAL B 108 -1.72 13.50 27.37
N LEU B 109 -1.04 13.51 28.52
CA LEU B 109 -1.31 14.51 29.57
C LEU B 109 0.02 15.16 29.95
N THR B 110 0.80 15.53 28.94
CA THR B 110 2.13 16.06 29.16
C THR B 110 2.07 17.48 29.75
N PRO B 111 3.14 17.92 30.40
CA PRO B 111 3.19 19.34 30.82
C PRO B 111 3.45 20.27 29.62
N PRO B 112 3.09 21.55 29.75
CA PRO B 112 3.23 22.44 28.60
C PRO B 112 4.71 22.73 28.24
N THR B 113 5.64 22.41 29.15
CA THR B 113 7.08 22.57 28.88
C THR B 113 7.77 21.44 28.12
N SER B 114 7.11 20.28 28.07
CA SER B 114 7.60 19.18 27.23
C SER B 114 6.38 18.44 26.71
N PRO B 115 5.65 19.08 25.77
CA PRO B 115 4.28 18.68 25.47
C PRO B 115 4.23 17.44 24.55
N GLN B 116 5.35 17.03 23.97
CA GLN B 116 5.33 15.88 23.05
C GLN B 116 5.36 14.57 23.85
N ALA B 117 4.38 13.70 23.60
CA ALA B 117 4.35 12.39 24.27
C ALA B 117 5.64 11.61 24.01
N PHE B 118 6.06 11.53 22.75
CA PHE B 118 7.26 10.82 22.36
C PHE B 118 8.20 11.78 21.65
N LEU B 119 9.37 12.01 22.24
CA LEU B 119 10.36 12.87 21.63
C LEU B 119 11.55 12.06 21.16
N VAL B 120 11.74 12.02 19.84
CA VAL B 120 12.74 11.15 19.24
C VAL B 120 13.95 11.97 18.84
N ARG B 121 15.03 11.83 19.62
CA ARG B 121 16.14 12.75 19.53
C ARG B 121 17.49 12.19 20.01
N ARG B 122 18.54 12.47 19.26
CA ARG B 122 19.90 12.14 19.67
C ARG B 122 20.82 13.27 19.27
N ASP B 123 21.57 13.79 20.24
CA ASP B 123 22.71 14.63 19.93
C ASP B 123 23.89 13.68 19.85
N GLY B 124 24.61 13.71 18.74
CA GLY B 124 25.67 12.73 18.52
C GLY B 124 25.48 12.00 17.21
N SER B 125 26.44 11.13 16.87
CA SER B 125 26.33 10.30 15.68
C SER B 125 26.18 8.81 15.97
N PRO B 126 25.72 8.04 14.95
CA PRO B 126 25.16 8.59 13.71
C PRO B 126 23.68 8.96 13.87
N ARG B 127 22.98 9.19 12.75
CA ARG B 127 21.51 9.33 12.76
C ARG B 127 20.82 8.17 13.50
N LEU B 128 19.73 8.49 14.19
CA LEU B 128 18.86 7.47 14.76
C LEU B 128 18.26 6.62 13.64
N SER B 129 18.34 5.31 13.79
CA SER B 129 17.98 4.39 12.70
C SER B 129 16.96 3.36 13.16
N GLY B 130 15.99 3.08 12.30
CA GLY B 130 15.19 1.85 12.40
C GLY B 130 14.26 1.81 13.60
N ILE B 131 13.81 2.98 14.05
CA ILE B 131 12.82 3.03 15.10
C ILE B 131 11.40 2.73 14.53
N VAL B 132 10.61 1.98 15.28
CA VAL B 132 9.26 1.61 14.88
C VAL B 132 8.21 2.01 15.91
N PHE B 133 7.21 2.73 15.46
CA PHE B 133 5.98 2.92 16.25
C PHE B 133 4.82 2.20 15.53
N LYS B 134 4.12 1.31 16.22
CA LYS B 134 3.03 0.58 15.57
C LYS B 134 1.88 0.18 16.51
N ASP B 135 0.66 0.17 15.96
CA ASP B 135 -0.48 -0.49 16.59
C ASP B 135 -0.85 0.02 17.99
N PHE B 136 -0.70 1.30 18.24
CA PHE B 136 -1.29 1.86 19.46
C PHE B 136 -1.92 3.22 19.22
N CYS B 137 -2.58 3.73 20.25
CA CYS B 137 -3.38 4.91 20.11
C CYS B 137 -2.80 6.04 20.96
N LEU B 138 -2.53 7.17 20.29
CA LEU B 138 -2.21 8.42 20.99
C LEU B 138 -3.37 9.43 21.07
N ASP B 139 -3.82 9.69 22.29
CA ASP B 139 -5.05 10.45 22.48
C ASP B 139 -4.83 11.72 23.34
N GLY B 140 -5.00 12.87 22.72
CA GLY B 140 -4.83 14.14 23.43
C GLY B 140 -6.00 14.57 24.32
N VAL B 141 -7.01 13.70 24.45
CA VAL B 141 -8.08 13.83 25.45
C VAL B 141 -9.11 14.93 25.20
N SER B 142 -8.66 16.17 25.21
CA SER B 142 -9.59 17.25 24.95
C SER B 142 -8.93 18.42 24.22
N PHE B 143 -9.75 19.26 23.59
CA PHE B 143 -9.25 20.50 23.04
C PHE B 143 -9.70 21.65 23.96
N VAL B 144 -8.90 22.72 24.01
CA VAL B 144 -9.24 23.92 24.75
C VAL B 144 -9.14 25.15 23.85
N PRO B 145 -9.89 26.21 24.18
CA PRO B 145 -10.63 26.36 25.43
C PRO B 145 -11.88 25.51 25.42
N ASP B 146 -12.15 24.89 24.30
CA ASP B 146 -13.33 24.08 24.18
C ASP B 146 -13.09 23.11 23.02
N GLY B 147 -14.03 22.19 22.83
CA GLY B 147 -13.77 20.94 22.13
C GLY B 147 -13.59 21.16 20.63
N ASN B 148 -13.87 22.36 20.15
CA ASN B 148 -13.83 22.60 18.73
C ASN B 148 -12.66 23.45 18.25
N SER B 149 -11.74 23.74 19.15
CA SER B 149 -10.66 24.67 18.81
C SER B 149 -9.50 23.98 18.05
N TYR B 150 -9.41 22.66 18.15
CA TYR B 150 -8.27 21.94 17.61
C TYR B 150 -6.94 22.44 18.17
N LYS B 151 -6.95 22.95 19.40
CA LYS B 151 -5.73 23.43 20.10
C LYS B 151 -5.56 22.93 21.53
N ASN B 152 -4.46 22.24 21.80
CA ASN B 152 -4.06 21.91 23.17
C ASN B 152 -2.56 21.88 23.43
N GLY B 153 -1.75 22.21 22.43
CA GLY B 153 -0.30 22.24 22.60
C GLY B 153 0.34 20.85 22.69
N LYS B 154 -0.41 19.80 22.44
CA LYS B 154 0.15 18.45 22.60
C LYS B 154 0.58 17.86 21.26
N THR B 155 1.65 17.09 21.29
CA THR B 155 2.13 16.35 20.12
C THR B 155 2.20 14.86 20.44
N GLY B 156 1.83 14.03 19.45
CA GLY B 156 1.94 12.58 19.62
C GLY B 156 3.38 12.07 19.55
N ILE B 157 3.99 12.19 18.37
CA ILE B 157 5.36 11.76 18.16
C ILE B 157 6.09 12.88 17.42
N ASP B 158 7.24 13.27 17.96
CA ASP B 158 8.03 14.35 17.38
C ASP B 158 9.46 13.87 17.21
N VAL B 159 9.86 13.65 15.96
CA VAL B 159 11.18 13.17 15.65
C VAL B 159 12.01 14.39 15.32
N ALA B 160 12.99 14.69 16.18
CA ALA B 160 13.63 16.00 16.18
C ALA B 160 15.00 16.01 15.49
N SER B 161 15.68 14.86 15.46
CA SER B 161 16.96 14.76 14.76
C SER B 161 16.95 13.93 13.48
N ASP B 162 17.95 14.15 12.63
CA ASP B 162 18.03 13.45 11.36
C ASP B 162 17.94 11.94 11.59
N ASN B 163 17.21 11.25 10.71
CA ASN B 163 16.82 9.88 10.98
C ASN B 163 16.74 9.05 9.69
N ASP B 164 16.79 7.73 9.83
CA ASP B 164 16.86 6.85 8.68
C ASP B 164 16.03 5.59 8.96
N SER B 165 15.21 5.21 7.99
CA SER B 165 14.47 3.95 8.05
C SER B 165 13.54 3.84 9.29
N ILE B 166 12.90 4.94 9.65
CA ILE B 166 11.85 4.90 10.66
C ILE B 166 10.55 4.47 10.00
N HIS B 167 9.69 3.79 10.75
CA HIS B 167 8.50 3.13 10.19
C HIS B 167 7.39 3.38 11.17
N ILE B 168 6.36 4.10 10.75
CA ILE B 168 5.20 4.37 11.60
C ILE B 168 3.97 3.77 10.92
N GLY B 170 0.04 1.47 11.51
CA GLY B 170 -1.04 0.86 12.29
C GLY B 170 -1.43 1.70 13.48
N MET B 171 -1.01 2.95 13.50
CA MET B 171 -1.26 3.82 14.64
C MET B 171 -2.67 4.41 14.56
N GLY B 172 -3.14 4.93 15.70
CA GLY B 172 -4.25 5.87 15.69
C GLY B 172 -3.89 7.11 16.47
N PHE B 173 -4.19 8.27 15.89
CA PHE B 173 -4.00 9.56 16.55
C PHE B 173 -5.34 10.29 16.57
N VAL B 174 -5.64 10.88 17.73
CA VAL B 174 -6.86 11.65 17.88
C VAL B 174 -6.67 12.76 18.92
N TYR B 175 -7.30 13.90 18.61
CA TYR B 175 -7.35 15.07 19.50
C TYR B 175 -5.98 15.55 20.01
N LEU B 176 -5.00 15.49 19.13
CA LEU B 176 -3.70 16.11 19.36
C LEU B 176 -3.55 17.34 18.47
N GLU B 177 -2.93 18.39 18.98
CA GLU B 177 -2.68 19.53 18.12
C GLU B 177 -1.73 19.17 16.97
N HIS B 178 -0.74 18.33 17.27
CA HIS B 178 0.17 17.77 16.27
C HIS B 178 0.25 16.27 16.45
N ALA B 179 -0.18 15.51 15.46
CA ALA B 179 -0.14 14.06 15.60
C ALA B 179 1.30 13.54 15.45
N LEU B 180 1.94 13.83 14.31
CA LEU B 180 3.27 13.27 14.04
C LEU B 180 4.12 14.32 13.33
N ILE B 181 5.35 14.50 13.78
CA ILE B 181 6.28 15.42 13.16
C ILE B 181 7.57 14.65 12.93
N VAL B 182 8.09 14.69 11.71
CA VAL B 182 9.40 14.08 11.46
C VAL B 182 10.30 15.05 10.73
N ARG B 183 11.36 15.46 11.42
CA ARG B 183 12.32 16.39 10.85
C ARG B 183 13.51 15.58 10.33
N GLY B 184 13.93 15.87 9.10
CA GLY B 184 15.15 15.26 8.57
C GLY B 184 14.93 13.80 8.25
N ALA B 185 13.75 13.49 7.73
CA ALA B 185 13.42 12.12 7.32
C ALA B 185 14.31 11.62 6.18
N ASP B 186 14.92 10.46 6.35
CA ASP B 186 15.48 9.72 5.21
C ASP B 186 14.92 8.31 5.23
N ALA B 187 14.31 7.88 4.12
CA ALA B 187 13.76 6.53 4.02
C ALA B 187 12.75 6.25 5.13
N LEU B 188 11.93 7.26 5.43
CA LEU B 188 10.76 7.13 6.31
C LEU B 188 9.58 6.47 5.60
N ARG B 189 8.86 5.63 6.33
CA ARG B 189 7.55 5.18 5.88
C ARG B 189 6.48 5.53 6.90
N VAL B 190 5.47 6.27 6.46
CA VAL B 190 4.31 6.54 7.29
C VAL B 190 3.16 5.82 6.59
N HIS B 191 2.76 4.67 7.13
CA HIS B 191 1.98 3.70 6.36
C HIS B 191 0.81 3.14 7.12
N ASP B 192 -0.38 3.22 6.52
CA ASP B 192 -1.55 2.49 7.02
C ASP B 192 -1.84 2.90 8.47
N ASN B 193 -1.96 4.21 8.67
CA ASN B 193 -2.34 4.77 9.96
C ASN B 193 -3.69 5.45 9.87
N MET B 194 -4.33 5.62 11.00
CA MET B 194 -5.49 6.43 11.19
C MET B 194 -5.09 7.73 11.94
N VAL B 195 -5.09 8.85 11.26
CA VAL B 195 -4.63 10.09 11.84
C VAL B 195 -5.71 11.16 11.67
N ALA B 196 -6.62 11.25 12.64
CA ALA B 196 -7.78 12.11 12.47
C ALA B 196 -8.21 12.93 13.70
N GLU B 197 -9.05 13.92 13.45
CA GLU B 197 -9.45 14.90 14.47
C GLU B 197 -8.26 15.47 15.27
N CYS B 198 -7.17 15.72 14.56
CA CYS B 198 -6.03 16.44 15.13
C CYS B 198 -5.91 17.83 14.45
N GLY B 199 -5.27 18.78 15.11
CA GLY B 199 -5.04 20.10 14.51
C GLY B 199 -4.18 20.00 13.25
N ASN B 200 -3.13 19.19 13.35
CA ASN B 200 -2.23 18.87 12.26
C ASN B 200 -1.98 17.36 12.30
N CYS B 201 -1.81 16.75 11.14
CA CYS B 201 -1.69 15.29 11.10
C CYS B 201 -0.25 14.82 10.95
N VAL B 202 0.36 15.14 9.82
CA VAL B 202 1.71 14.67 9.51
C VAL B 202 2.51 15.81 8.93
N GLU B 203 3.53 16.22 9.67
CA GLU B 203 4.44 17.29 9.25
C GLU B 203 5.84 16.75 9.04
N LEU B 204 6.31 16.73 7.80
CA LEU B 204 7.64 16.28 7.49
C LEU B 204 8.53 17.51 7.25
N THR B 205 9.26 17.91 8.29
CA THR B 205 9.87 19.25 8.36
C THR B 205 11.36 19.27 8.07
N GLY B 206 11.87 20.49 7.85
CA GLY B 206 13.30 20.72 7.66
C GLY B 206 13.75 20.37 6.27
N ALA B 207 13.88 19.07 6.04
CA ALA B 207 14.26 18.53 4.73
C ALA B 207 14.04 17.01 4.79
N GLY B 208 14.07 16.34 3.65
CA GLY B 208 14.01 14.87 3.68
C GLY B 208 14.25 14.22 2.33
N GLN B 209 14.38 12.89 2.33
CA GLN B 209 14.55 12.16 1.06
C GLN B 209 13.80 10.85 1.11
N ALA B 210 13.53 10.31 -0.08
CA ALA B 210 13.21 8.90 -0.24
C ALA B 210 12.20 8.40 0.79
N THR B 211 11.15 9.19 1.01
CA THR B 211 10.08 8.83 1.94
C THR B 211 8.79 8.40 1.24
N ILE B 212 8.02 7.55 1.92
CA ILE B 212 6.73 7.06 1.43
C ILE B 212 5.66 7.37 2.49
N VAL B 213 4.61 8.07 2.07
CA VAL B 213 3.41 8.24 2.88
C VAL B 213 2.25 7.55 2.17
N SER B 214 1.81 6.42 2.71
CA SER B 214 0.93 5.53 1.96
C SER B 214 -0.18 4.91 2.79
N ASP B 215 -1.37 4.85 2.19
CA ASP B 215 -2.48 4.04 2.69
C ASP B 215 -3.04 4.54 4.02
N ASN B 216 -2.87 5.84 4.26
CA ASN B 216 -3.34 6.50 5.49
C ASN B 216 -4.72 7.12 5.34
N LEU B 217 -5.44 7.15 6.45
CA LEU B 217 -6.68 7.89 6.58
C LEU B 217 -6.34 9.12 7.43
N MET B 218 -6.69 10.30 6.93
CA MET B 218 -6.22 11.53 7.57
C MET B 218 -7.27 12.62 7.46
N GLY B 219 -7.47 13.31 8.57
CA GLY B 219 -8.29 14.52 8.60
C GLY B 219 -7.80 15.46 9.70
N ALA B 220 -7.54 16.72 9.35
CA ALA B 220 -6.98 17.72 10.28
C ALA B 220 -8.02 18.79 10.70
N GLY B 221 -7.53 19.93 11.20
CA GLY B 221 -8.40 21.03 11.60
C GLY B 221 -8.11 22.29 10.80
N PRO B 222 -9.00 23.31 10.89
CA PRO B 222 -9.03 24.40 9.91
C PRO B 222 -7.85 25.35 9.98
N GLU B 223 -7.11 25.35 11.08
CA GLU B 223 -5.83 26.10 11.11
C GLU B 223 -4.58 25.26 10.92
N GLY B 224 -4.72 23.96 10.66
CA GLY B 224 -3.55 23.10 10.57
C GLY B 224 -3.40 22.36 9.26
N VAL B 225 -2.33 21.60 9.13
CA VAL B 225 -2.09 20.86 7.91
C VAL B 225 -2.49 19.40 8.11
N THR B 226 -2.89 18.77 7.02
CA THR B 226 -3.10 17.32 6.98
C THR B 226 -1.75 16.64 6.70
N LEU B 227 -1.30 16.66 5.45
CA LEU B 227 0.12 16.38 5.18
C LEU B 227 0.87 17.65 4.83
N LEU B 228 2.03 17.82 5.48
CA LEU B 228 3.00 18.87 5.10
C LEU B 228 4.36 18.26 4.84
N ALA B 229 5.04 18.79 3.83
CA ALA B 229 6.44 18.46 3.59
C ALA B 229 7.23 19.73 3.23
N GLU B 230 8.35 19.92 3.91
CA GLU B 230 9.29 21.00 3.59
C GLU B 230 10.57 20.40 3.02
N ASN B 231 10.98 20.92 1.86
CA ASN B 231 12.28 20.61 1.29
C ASN B 231 12.51 19.12 1.13
N HIS B 232 11.47 18.39 0.72
CA HIS B 232 11.65 16.99 0.42
C HIS B 232 11.96 16.78 -1.03
N GLU B 233 12.81 15.79 -1.26
CA GLU B 233 13.14 15.27 -2.58
C GLU B 233 12.69 13.80 -2.66
N GLY B 234 11.99 13.45 -3.73
CA GLY B 234 11.66 12.06 -3.97
C GLY B 234 10.72 11.47 -2.94
N LEU B 235 9.82 12.31 -2.43
CA LEU B 235 8.76 11.90 -1.51
C LEU B 235 7.61 11.34 -2.36
N LEU B 236 7.04 10.21 -1.92
CA LEU B 236 5.98 9.53 -2.65
C LEU B 236 4.74 9.46 -1.77
N VAL B 237 3.65 10.04 -2.24
CA VAL B 237 2.43 10.12 -1.45
C VAL B 237 1.36 9.43 -2.29
N THR B 238 0.91 8.27 -1.82
CA THR B 238 0.08 7.37 -2.62
C THR B 238 -0.82 6.52 -1.74
N GLY B 239 -2.04 6.30 -2.20
CA GLY B 239 -2.98 5.37 -1.56
C GLY B 239 -3.67 5.96 -0.35
N ASN B 240 -3.48 7.24 -0.11
CA ASN B 240 -4.06 7.90 1.05
C ASN B 240 -5.48 8.42 0.80
N ASN B 241 -6.30 8.41 1.84
CA ASN B 241 -7.63 8.99 1.77
C ASN B 241 -7.66 10.22 2.69
N PHE B 242 -7.52 11.39 2.11
CA PHE B 242 -7.46 12.62 2.86
C PHE B 242 -8.83 13.25 2.88
N PHE B 243 -9.32 13.48 4.07
CA PHE B 243 -10.60 14.07 4.22
C PHE B 243 -10.56 15.18 5.24
N PRO B 244 -11.73 15.66 5.62
CA PRO B 244 -11.87 16.55 6.80
C PRO B 244 -11.72 17.95 6.68
N ARG B 245 -11.07 18.53 7.70
CA ARG B 245 -11.11 19.95 7.77
C ARG B 245 -9.83 20.70 7.98
N GLY B 246 -8.73 20.20 7.47
CA GLY B 246 -7.49 20.92 7.50
C GLY B 246 -7.57 22.15 6.64
N ARG B 247 -6.70 23.11 6.90
CA ARG B 247 -6.65 24.29 6.06
C ARG B 247 -6.31 23.82 4.67
N SER B 248 -5.52 22.77 4.62
CA SER B 248 -5.12 22.21 3.36
C SER B 248 -5.07 20.68 3.58
N LEU B 249 -5.06 19.92 2.49
CA LEU B 249 -4.92 18.46 2.58
C LEU B 249 -3.48 18.05 2.27
N LEU B 250 -2.88 18.67 1.27
CA LEU B 250 -1.50 18.38 0.94
C LEU B 250 -0.80 19.70 0.73
N GLU B 251 0.27 19.87 1.49
CA GLU B 251 1.00 21.09 1.45
C GLU B 251 2.49 20.82 1.30
N PHE B 252 3.07 21.18 0.14
CA PHE B 252 4.51 21.10 -0.08
C PHE B 252 5.10 22.51 -0.11
N THR B 253 6.28 22.68 0.48
CA THR B 253 7.02 23.94 0.30
C THR B 253 8.47 23.66 -0.06
N GLY B 254 8.90 24.11 -1.23
CA GLY B 254 10.23 23.83 -1.73
C GLY B 254 10.55 22.33 -1.92
N CYS B 255 9.51 21.53 -2.17
CA CYS B 255 9.65 20.10 -2.45
C CYS B 255 9.85 19.89 -3.95
N ASN B 256 10.85 19.11 -4.32
CA ASN B 256 11.16 18.89 -5.74
C ASN B 256 11.19 17.42 -6.12
N ARG B 257 10.83 17.12 -7.37
CA ARG B 257 10.98 15.75 -7.87
C ARG B 257 10.31 14.75 -6.91
N CYS B 258 9.06 15.09 -6.56
CA CYS B 258 8.21 14.27 -5.68
C CYS B 258 7.00 13.83 -6.51
N SER B 259 6.23 12.89 -5.96
CA SER B 259 5.08 12.33 -6.65
C SER B 259 3.88 12.11 -5.74
N VAL B 260 2.74 12.66 -6.16
CA VAL B 260 1.51 12.54 -5.42
C VAL B 260 0.48 11.87 -6.31
N THR B 261 0.28 10.59 -6.10
CA THR B 261 -0.39 9.73 -7.07
C THR B 261 -1.35 8.76 -6.38
N SER B 262 -2.56 8.64 -6.95
CA SER B 262 -3.52 7.62 -6.50
C SER B 262 -3.94 7.84 -5.05
N ASN B 263 -4.28 9.08 -4.74
CA ASN B 263 -4.94 9.44 -3.50
C ASN B 263 -6.39 9.88 -3.74
N ARG B 264 -7.19 9.86 -2.67
CA ARG B 264 -8.44 10.61 -2.63
C ARG B 264 -8.36 11.85 -1.70
N PHE B 265 -8.87 12.99 -2.19
CA PHE B 265 -8.81 14.27 -1.47
C PHE B 265 -10.21 14.86 -1.36
N GLN B 266 -10.73 14.96 -0.13
CA GLN B 266 -11.99 15.66 0.13
C GLN B 266 -11.81 16.78 1.13
N GLY B 267 -12.14 17.99 0.72
CA GLY B 267 -12.00 19.17 1.59
C GLY B 267 -13.16 20.14 1.42
N PHE B 268 -13.20 21.14 2.29
CA PHE B 268 -14.40 21.97 2.49
C PHE B 268 -14.01 23.45 2.29
N TYR B 269 -12.74 23.71 2.01
CA TYR B 269 -12.24 25.06 1.76
C TYR B 269 -11.38 25.07 0.52
N PRO B 270 -11.14 26.26 -0.05
CA PRO B 270 -10.12 26.41 -1.11
C PRO B 270 -8.71 26.05 -0.61
N GLY B 271 -7.80 25.74 -1.55
CA GLY B 271 -6.39 25.47 -1.21
C GLY B 271 -6.18 24.07 -0.63
N MET B 272 -6.92 23.09 -1.13
CA MET B 272 -6.77 21.72 -0.60
C MET B 272 -5.35 21.17 -0.85
N MET B 273 -4.78 21.53 -2.01
CA MET B 273 -3.41 21.17 -2.35
C MET B 273 -2.62 22.44 -2.65
N ARG B 274 -1.49 22.61 -1.98
CA ARG B 274 -0.65 23.79 -2.17
C ARG B 274 0.76 23.35 -2.46
N LEU B 275 1.25 23.69 -3.64
CA LEU B 275 2.66 23.47 -3.96
C LEU B 275 3.36 24.83 -3.98
N LEU B 276 4.13 25.09 -2.93
CA LEU B 276 4.49 26.47 -2.55
C LEU B 276 6.00 26.72 -2.60
N ASN B 277 6.33 27.97 -2.90
CA ASN B 277 7.71 28.49 -2.86
C ASN B 277 8.72 27.78 -3.73
N GLY B 278 8.36 27.52 -4.99
CA GLY B 278 9.26 26.90 -5.95
C GLY B 278 9.34 25.38 -5.91
N CYS B 279 8.21 24.70 -5.84
CA CYS B 279 8.18 23.26 -6.02
C CYS B 279 8.37 22.90 -7.49
N LYS B 280 9.44 22.17 -7.84
CA LYS B 280 9.59 21.81 -9.24
C LYS B 280 9.65 20.34 -9.61
N GLU B 281 9.22 20.02 -10.83
CA GLU B 281 9.38 18.67 -11.37
C GLU B 281 8.71 17.61 -10.50
N ASN B 282 7.52 17.95 -10.00
CA ASN B 282 6.70 17.02 -9.21
C ASN B 282 5.61 16.43 -10.10
N LEU B 283 5.26 15.17 -9.83
CA LEU B 283 4.16 14.51 -10.50
C LEU B 283 2.92 14.50 -9.60
N ILE B 284 1.84 15.07 -10.10
CA ILE B 284 0.59 15.20 -9.37
C ILE B 284 -0.47 14.56 -10.26
N THR B 285 -0.80 13.31 -9.99
CA THR B 285 -1.50 12.51 -11.00
C THR B 285 -2.39 11.43 -10.41
N SER B 286 -3.48 11.13 -11.13
CA SER B 286 -4.33 9.99 -10.80
C SER B 286 -4.93 10.15 -9.41
N ASN B 287 -5.25 11.38 -9.08
CA ASN B 287 -5.88 11.70 -7.79
C ASN B 287 -7.32 12.13 -7.99
N HIS B 288 -8.15 11.89 -6.98
CA HIS B 288 -9.51 12.41 -6.98
C HIS B 288 -9.64 13.55 -6.00
N PHE B 289 -10.04 14.73 -6.49
CA PHE B 289 -10.28 15.91 -5.67
C PHE B 289 -11.78 16.22 -5.60
N ARG B 290 -12.25 16.37 -4.39
CA ARG B 290 -13.62 16.76 -4.16
C ARG B 290 -13.67 18.00 -3.26
N ARG B 291 -14.14 19.11 -3.79
CA ARG B 291 -14.34 20.32 -3.01
C ARG B 291 -15.84 20.47 -2.68
N GLY B 292 -16.15 20.36 -1.40
CA GLY B 292 -17.54 20.43 -0.96
C GLY B 292 -17.73 21.53 0.08
N THR B 293 -18.78 21.41 0.87
CA THR B 293 -19.12 22.44 1.86
C THR B 293 -19.35 21.76 3.21
N GLU B 294 -18.93 22.41 4.29
CA GLU B 294 -19.10 21.82 5.62
C GLU B 294 -20.55 21.43 5.92
N GLY B 295 -20.79 20.23 6.40
CA GLY B 295 -22.14 19.80 6.75
C GLY B 295 -22.39 19.56 8.23
N PHE B 296 -21.37 19.75 9.06
CA PHE B 296 -21.50 19.52 10.51
C PHE B 296 -21.65 20.86 11.23
N PRO B 297 -22.86 21.16 11.75
CA PRO B 297 -23.23 22.46 12.29
C PRO B 297 -22.17 23.21 13.12
N PRO B 298 -21.50 22.55 14.09
CA PRO B 298 -20.55 23.33 14.89
C PRO B 298 -19.43 23.98 14.06
N PHE B 299 -19.21 23.50 12.84
CA PHE B 299 -18.15 24.05 12.00
C PHE B 299 -18.63 24.83 10.77
N ILE B 300 -19.95 24.96 10.59
CA ILE B 300 -20.52 25.69 9.43
C ILE B 300 -19.94 27.07 9.19
N ASP B 301 -19.47 27.75 10.22
CA ASP B 301 -18.91 29.05 9.93
C ASP B 301 -17.40 29.14 9.90
N ARG B 302 -16.73 28.01 10.02
CA ARG B 302 -15.26 28.00 9.98
C ARG B 302 -14.75 28.11 8.54
N THR B 303 -13.70 28.88 8.33
CA THR B 303 -13.03 28.90 7.03
C THR B 303 -11.53 28.92 7.28
N ASN B 304 -10.74 28.85 6.21
CA ASN B 304 -9.30 28.84 6.36
C ASN B 304 -8.76 30.17 5.83
N GLY B 305 -9.66 31.10 5.51
CA GLY B 305 -9.25 32.46 5.17
C GLY B 305 -8.91 32.66 3.71
N LEU B 306 -9.21 31.66 2.89
CA LEU B 306 -8.84 31.71 1.48
C LEU B 306 -10.10 31.77 0.63
N ASP B 307 -10.07 32.54 -0.45
CA ASP B 307 -11.22 32.58 -1.34
C ASP B 307 -11.16 31.55 -2.50
N ASP B 308 -12.26 31.43 -3.22
CA ASP B 308 -12.37 30.45 -4.28
C ASP B 308 -11.53 30.74 -5.53
N LEU B 309 -10.84 31.88 -5.55
CA LEU B 309 -9.85 32.15 -6.59
C LEU B 309 -8.48 31.60 -6.26
N TYR B 310 -8.30 31.06 -5.06
CA TYR B 310 -6.99 30.54 -4.68
C TYR B 310 -6.66 29.22 -5.42
N GLY B 311 -7.69 28.46 -5.77
CA GLY B 311 -7.51 27.16 -6.45
C GLY B 311 -7.74 25.96 -5.55
N VAL B 312 -8.26 24.87 -6.13
CA VAL B 312 -8.28 23.58 -5.45
C VAL B 312 -6.83 23.09 -5.32
N ILE B 313 -6.08 23.23 -6.42
CA ILE B 313 -4.63 23.12 -6.42
C ILE B 313 -4.04 24.52 -6.67
N HIS B 314 -3.09 24.93 -5.83
CA HIS B 314 -2.37 26.19 -6.02
C HIS B 314 -0.90 25.85 -6.15
N ALA B 315 -0.33 26.13 -7.33
CA ALA B 315 1.05 25.69 -7.64
C ALA B 315 1.94 26.87 -8.06
N MET B 316 3.10 26.96 -7.40
CA MET B 316 4.16 27.92 -7.70
C MET B 316 5.51 27.18 -7.85
N GLY B 317 5.92 26.92 -9.09
CA GLY B 317 7.21 26.29 -9.38
C GLY B 317 7.25 25.78 -10.80
N ASP B 318 8.34 25.11 -11.16
CA ASP B 318 8.59 24.77 -12.56
C ASP B 318 8.29 23.30 -12.89
N ASN B 319 7.76 23.07 -14.10
CA ASN B 319 7.87 21.76 -14.74
C ASN B 319 7.22 20.65 -13.95
N ASN B 320 6.14 20.97 -13.25
CA ASN B 320 5.28 19.94 -12.66
C ASN B 320 4.32 19.39 -13.72
N LEU B 321 3.99 18.10 -13.60
CA LEU B 321 2.98 17.50 -14.47
C LEU B 321 1.72 17.22 -13.64
N ILE B 322 0.64 17.95 -13.94
CA ILE B 322 -0.62 17.79 -13.22
C ILE B 322 -1.66 17.14 -14.13
N SER B 323 -1.82 15.83 -14.02
CA SER B 323 -2.48 15.09 -15.07
C SER B 323 -3.34 13.96 -14.52
N ASN B 324 -4.29 13.54 -15.36
CA ASN B 324 -5.24 12.49 -15.03
C ASN B 324 -5.87 12.57 -13.64
N ASN B 325 -6.34 13.76 -13.30
CA ASN B 325 -7.07 13.95 -12.05
C ASN B 325 -8.54 14.22 -12.35
N LEU B 326 -9.40 13.91 -11.38
CA LEU B 326 -10.78 14.34 -11.44
C LEU B 326 -11.04 15.39 -10.35
N PHE B 327 -11.70 16.48 -10.74
CA PHE B 327 -12.10 17.54 -9.78
C PHE B 327 -13.64 17.69 -9.77
N ALA B 328 -14.25 17.38 -8.64
CA ALA B 328 -15.68 17.55 -8.50
C ALA B 328 -15.95 18.64 -7.46
N TYR B 329 -16.42 19.78 -7.94
CA TYR B 329 -16.61 20.99 -7.14
C TYR B 329 -18.10 21.25 -6.94
N ASP B 330 -18.54 21.24 -5.68
CA ASP B 330 -19.93 21.54 -5.38
C ASP B 330 -20.07 22.40 -4.13
N VAL B 331 -20.15 23.72 -4.32
CA VAL B 331 -20.37 24.62 -3.18
C VAL B 331 -21.48 25.62 -3.51
N PRO B 332 -22.45 25.77 -2.60
CA PRO B 332 -23.60 26.64 -2.88
C PRO B 332 -23.15 28.05 -3.24
N PRO B 333 -23.80 28.66 -4.23
CA PRO B 333 -23.45 29.99 -4.74
C PRO B 333 -23.20 31.03 -3.65
N GLY B 334 -23.94 30.95 -2.55
CA GLY B 334 -23.82 31.94 -1.49
C GLY B 334 -22.64 31.67 -0.57
N LYS B 335 -21.94 30.57 -0.79
CA LYS B 335 -20.75 30.32 0.01
C LYS B 335 -19.45 30.52 -0.77
N ILE B 336 -19.57 30.94 -2.02
CA ILE B 336 -18.38 31.18 -2.85
C ILE B 336 -17.86 32.58 -2.61
N ALA B 337 -16.54 32.75 -2.56
CA ALA B 337 -15.97 34.09 -2.36
C ALA B 337 -14.90 34.38 -3.40
N PRO B 338 -14.82 35.62 -3.90
CA PRO B 338 -15.79 36.73 -3.70
C PRO B 338 -17.13 36.46 -4.36
N ALA B 339 -18.17 37.22 -3.97
CA ALA B 339 -19.53 36.92 -4.40
C ALA B 339 -19.57 37.13 -5.90
N GLY B 340 -20.16 36.18 -6.62
CA GLY B 340 -20.25 36.30 -8.08
C GLY B 340 -19.05 35.80 -8.87
N ALA B 341 -17.97 35.43 -8.19
CA ALA B 341 -16.74 35.01 -8.88
C ALA B 341 -16.89 33.56 -9.39
N GLN B 342 -16.25 33.25 -10.52
CA GLN B 342 -16.05 31.86 -10.94
C GLN B 342 -14.92 31.26 -10.14
N PRO B 343 -15.19 30.17 -9.41
CA PRO B 343 -14.12 29.48 -8.69
C PRO B 343 -13.06 28.96 -9.67
N THR B 344 -11.81 28.93 -9.21
CA THR B 344 -10.69 28.42 -9.98
C THR B 344 -10.37 27.02 -9.47
N ILE B 345 -10.20 26.06 -10.39
CA ILE B 345 -9.89 24.69 -9.98
C ILE B 345 -8.40 24.48 -9.82
N MET B 346 -7.64 24.69 -10.89
CA MET B 346 -6.20 24.65 -10.83
C MET B 346 -5.64 26.03 -11.13
N LEU B 347 -4.88 26.55 -10.17
CA LEU B 347 -4.17 27.82 -10.35
C LEU B 347 -2.66 27.62 -10.46
N ILE B 348 -2.11 27.97 -11.60
CA ILE B 348 -0.66 28.03 -11.77
C ILE B 348 -0.22 29.45 -11.43
N ALA B 349 0.22 29.65 -10.20
CA ALA B 349 0.53 30.99 -9.66
C ALA B 349 1.80 31.57 -10.27
N GLY B 350 2.68 30.71 -10.78
CA GLY B 350 3.94 31.11 -11.39
C GLY B 350 4.73 29.87 -11.79
N GLY B 351 5.78 30.07 -12.59
CA GLY B 351 6.71 28.99 -12.91
C GLY B 351 6.82 28.68 -14.38
N ASP B 352 7.86 27.94 -14.73
CA ASP B 352 8.17 27.67 -16.13
C ASP B 352 7.87 26.22 -16.50
N GLY B 353 7.12 26.02 -17.58
CA GLY B 353 7.01 24.70 -18.22
C GLY B 353 6.12 23.67 -17.53
N ASN B 354 5.20 24.14 -16.69
CA ASN B 354 4.14 23.29 -16.15
C ASN B 354 3.20 22.74 -17.23
N VAL B 355 2.83 21.47 -17.09
CA VAL B 355 2.00 20.78 -18.07
C VAL B 355 0.74 20.28 -17.35
N ILE B 356 -0.43 20.74 -17.81
CA ILE B 356 -1.71 20.29 -17.25
C ILE B 356 -2.38 19.46 -18.32
N ALA B 357 -2.56 18.17 -18.07
CA ALA B 357 -3.08 17.25 -19.09
C ALA B 357 -4.16 16.30 -18.60
N THR B 358 -5.23 16.16 -19.37
CA THR B 358 -6.19 15.07 -19.18
C THR B 358 -6.87 15.17 -17.80
N ASN B 359 -7.44 16.33 -17.48
CA ASN B 359 -8.17 16.48 -16.21
C ASN B 359 -9.64 16.73 -16.45
N HIS B 360 -10.49 16.04 -15.71
CA HIS B 360 -11.92 16.26 -15.83
C HIS B 360 -12.44 17.01 -14.66
N VAL B 361 -13.03 18.16 -14.94
CA VAL B 361 -13.67 18.98 -13.90
C VAL B 361 -15.19 18.93 -14.06
N ILE B 362 -15.89 18.76 -12.94
CA ILE B 362 -17.32 18.96 -12.91
C ILE B 362 -17.65 19.88 -11.72
N SER B 363 -18.43 20.93 -11.98
CA SER B 363 -18.78 21.87 -10.91
C SER B 363 -20.24 22.24 -11.01
N ASN B 364 -20.83 22.66 -9.90
CA ASN B 364 -22.24 23.10 -9.87
C ASN B 364 -22.43 24.50 -10.46
N VAL B 365 -21.38 25.30 -10.47
CA VAL B 365 -21.45 26.67 -11.04
C VAL B 365 -20.38 26.80 -12.11
N ASP B 366 -20.44 27.87 -12.88
CA ASP B 366 -19.35 28.18 -13.83
C ASP B 366 -18.00 28.31 -13.11
N THR B 367 -17.03 27.50 -13.53
CA THR B 367 -15.69 27.56 -12.97
C THR B 367 -14.65 27.69 -14.08
N GLN B 368 -13.50 28.29 -13.76
CA GLN B 368 -12.34 28.16 -14.63
C GLN B 368 -11.53 26.94 -14.20
N HIS B 369 -11.46 25.93 -15.08
CA HIS B 369 -10.69 24.71 -14.82
C HIS B 369 -9.23 25.02 -14.53
N VAL B 370 -8.63 25.89 -15.34
CA VAL B 370 -7.27 26.33 -15.06
C VAL B 370 -7.15 27.82 -15.28
N VAL B 371 -6.49 28.50 -14.35
CA VAL B 371 -6.08 29.89 -14.52
C VAL B 371 -4.57 29.92 -14.41
N LEU B 372 -3.90 30.49 -15.39
CA LEU B 372 -2.47 30.65 -15.34
C LEU B 372 -2.14 32.11 -15.10
N ASP B 373 -1.31 32.36 -14.08
CA ASP B 373 -0.85 33.69 -13.73
C ASP B 373 -0.07 34.28 -14.91
N GLY B 374 -0.12 35.60 -15.06
CA GLY B 374 0.67 36.26 -16.10
C GLY B 374 2.14 35.88 -16.16
N SER B 375 2.74 35.61 -15.00
CA SER B 375 4.17 35.28 -14.90
C SER B 375 4.54 33.86 -15.38
N ALA B 376 3.55 32.97 -15.54
CA ALA B 376 3.84 31.59 -15.96
C ALA B 376 4.41 31.64 -17.37
N THR B 377 5.48 30.88 -17.61
CA THR B 377 6.03 30.72 -18.96
C THR B 377 6.05 29.26 -19.45
N ARG B 378 5.91 29.13 -20.78
CA ARG B 378 5.94 27.86 -21.49
C ARG B 378 5.05 26.78 -20.86
N SER B 379 3.89 27.20 -20.38
CA SER B 379 2.90 26.28 -19.85
C SER B 379 2.19 25.54 -20.98
N LYS B 380 1.72 24.33 -20.69
CA LYS B 380 0.82 23.56 -21.54
C LYS B 380 -0.44 23.16 -20.79
N VAL B 381 -1.59 23.39 -21.43
CA VAL B 381 -2.88 22.92 -20.96
C VAL B 381 -3.56 22.09 -22.06
N LEU B 382 -3.64 20.77 -21.80
CA LEU B 382 -4.11 19.78 -22.75
C LEU B 382 -5.33 19.05 -22.18
N ASP B 383 -6.45 19.11 -22.91
CA ASP B 383 -7.60 18.29 -22.57
C ASP B 383 -8.01 18.43 -21.12
N SER B 384 -8.12 19.67 -20.65
CA SER B 384 -8.52 19.90 -19.28
C SER B 384 -9.66 20.92 -19.20
N GLY B 385 -10.49 20.92 -20.24
CA GLY B 385 -11.60 21.85 -20.36
C GLY B 385 -11.74 22.47 -21.75
N ALA B 386 -12.98 22.85 -22.08
CA ALA B 386 -13.25 23.72 -23.21
C ALA B 386 -12.48 25.02 -23.09
N ALA B 387 -12.41 25.75 -24.20
CA ALA B 387 -11.67 27.01 -24.25
C ALA B 387 -12.20 28.02 -23.23
N SER B 388 -13.51 28.04 -23.04
CA SER B 388 -14.13 29.02 -22.14
C SER B 388 -13.84 28.73 -20.66
N THR B 389 -13.21 27.59 -20.38
CA THR B 389 -12.88 27.25 -18.99
C THR B 389 -11.40 27.45 -18.66
N ILE B 390 -10.62 27.88 -19.65
CA ILE B 390 -9.20 28.11 -19.44
C ILE B 390 -8.90 29.61 -19.43
N THR B 391 -8.23 30.11 -18.39
CA THR B 391 -7.75 31.50 -18.42
C THR B 391 -6.25 31.55 -18.33
N SER B 392 -5.60 32.04 -19.38
CA SER B 392 -4.17 32.31 -19.33
C SER B 392 -3.93 33.79 -19.45
N TYR B 393 -3.45 34.41 -18.37
CA TYR B 393 -2.98 35.79 -18.42
C TYR B 393 -1.55 35.79 -18.93
N SER B 394 -0.99 34.61 -19.08
CA SER B 394 0.31 34.48 -19.69
C SER B 394 0.11 34.44 -21.19
N PRO B 395 1.01 35.09 -21.93
CA PRO B 395 0.77 35.17 -23.36
C PRO B 395 1.34 33.96 -24.11
N ASP B 396 2.16 33.14 -23.47
CA ASP B 396 2.80 32.05 -24.23
C ASP B 396 2.32 30.65 -23.87
N THR B 397 1.13 30.55 -23.30
CA THR B 397 0.56 29.26 -22.93
C THR B 397 0.01 28.51 -24.15
N ALA B 398 0.46 27.28 -24.36
CA ALA B 398 -0.12 26.44 -25.42
C ALA B 398 -1.38 25.73 -24.91
N ILE B 399 -2.52 25.96 -25.56
CA ILE B 399 -3.78 25.39 -25.07
C ILE B 399 -4.46 24.47 -26.08
N ARG B 400 -4.69 23.22 -25.71
CA ARG B 400 -5.59 22.37 -26.51
C ARG B 400 -6.90 22.15 -25.76
N PRO B 401 -7.97 22.86 -26.17
CA PRO B 401 -9.27 22.66 -25.53
C PRO B 401 -9.70 21.21 -25.64
N THR B 402 -10.39 20.70 -24.63
CA THR B 402 -11.16 19.47 -24.80
C THR B 402 -12.06 19.68 -26.02
N PRO B 403 -11.95 18.79 -27.02
CA PRO B 403 -12.77 18.80 -28.24
C PRO B 403 -14.25 19.03 -27.97
N HIS B 404 -14.83 19.94 -28.76
CA HIS B 404 -16.25 20.35 -28.74
C HIS B 404 -16.74 21.33 -27.73
N PRO C 1 5.37 -19.86 26.10
CA PRO C 1 5.01 -18.44 25.94
C PRO C 1 3.50 -18.34 25.71
N LEU C 2 3.02 -19.04 24.71
CA LEU C 2 1.58 -19.22 24.58
C LEU C 2 1.24 -20.69 24.86
N ASN C 3 -0.02 -21.02 25.03
CA ASN C 3 -0.36 -22.41 25.37
C ASN C 3 -0.48 -23.29 24.11
N SER C 4 0.44 -23.10 23.17
CA SER C 4 0.43 -23.84 21.91
C SER C 4 1.80 -24.40 21.59
N PRO C 5 1.86 -25.68 21.18
CA PRO C 5 3.15 -26.21 20.76
C PRO C 5 3.65 -25.55 19.46
N ASN C 6 2.80 -24.76 18.82
CA ASN C 6 3.11 -24.17 17.50
C ASN C 6 3.69 -22.77 17.56
N VAL C 7 4.03 -22.31 18.76
CA VAL C 7 4.64 -21.00 18.95
C VAL C 7 6.03 -21.17 19.56
N TYR C 8 7.06 -20.78 18.84
CA TYR C 8 8.43 -20.97 19.33
C TYR C 8 9.14 -19.63 19.55
N ASP C 9 9.79 -19.51 20.70
CA ASP C 9 10.68 -18.39 21.03
C ASP C 9 12.16 -18.85 20.85
N VAL C 10 12.90 -18.27 19.90
CA VAL C 10 14.23 -18.84 19.59
C VAL C 10 15.22 -18.70 20.74
N THR C 11 15.02 -17.72 21.61
CA THR C 11 15.91 -17.57 22.77
C THR C 11 15.59 -18.55 23.89
N ALA C 12 14.48 -19.28 23.77
CA ALA C 12 14.09 -20.26 24.79
C ALA C 12 14.25 -21.72 24.33
N TRP C 13 14.72 -21.94 23.11
CA TRP C 13 14.75 -23.28 22.57
C TRP C 13 16.10 -23.92 22.80
N ARG C 14 16.15 -25.06 23.46
CA ARG C 14 17.43 -25.76 23.60
C ARG C 14 17.46 -26.96 22.66
N ILE C 15 18.56 -27.13 21.93
CA ILE C 15 18.75 -28.28 21.04
C ILE C 15 19.35 -29.44 21.85
N LYS C 16 18.63 -30.54 21.97
CA LYS C 16 19.10 -31.61 22.83
C LYS C 16 20.30 -32.28 22.19
N GLY C 17 21.37 -32.42 22.97
CA GLY C 17 22.59 -33.02 22.48
C GLY C 17 23.59 -31.98 22.07
N GLN C 18 23.12 -30.78 21.73
CA GLN C 18 24.03 -29.66 21.52
C GLN C 18 23.71 -28.53 22.47
N PRO C 19 23.78 -28.80 23.78
CA PRO C 19 23.43 -27.75 24.75
C PRO C 19 24.38 -26.55 24.73
N LYS C 20 25.37 -26.58 23.84
CA LYS C 20 26.24 -25.42 23.61
C LYS C 20 25.51 -24.38 22.74
N VAL C 21 24.76 -24.85 21.75
CA VAL C 21 24.31 -23.99 20.68
C VAL C 21 23.19 -23.09 21.18
N THR C 22 23.37 -21.79 21.00
CA THR C 22 22.38 -20.80 21.43
C THR C 22 21.88 -20.03 20.19
N ALA C 23 20.81 -19.25 20.34
CA ALA C 23 20.31 -18.44 19.23
C ALA C 23 21.34 -17.39 18.81
N GLU C 24 22.11 -16.90 19.78
CA GLU C 24 23.28 -16.05 19.51
C GLU C 24 24.40 -16.72 18.74
N SER C 25 24.77 -17.95 19.13
CA SER C 25 25.75 -18.81 18.43
C SER C 25 25.42 -19.06 16.97
N ASP C 26 24.26 -19.67 16.76
CA ASP C 26 23.86 -20.16 15.45
C ASP C 26 22.33 -20.32 15.42
N ILE C 27 21.64 -19.19 15.23
CA ILE C 27 20.20 -19.18 15.14
C ILE C 27 19.71 -20.09 14.00
N GLY C 28 20.56 -20.26 12.98
CA GLY C 28 20.32 -21.26 11.94
C GLY C 28 20.08 -22.65 12.47
N ALA C 29 20.99 -23.13 13.31
CA ALA C 29 20.88 -24.48 13.87
C ALA C 29 19.68 -24.56 14.80
N VAL C 30 19.44 -23.50 15.56
CA VAL C 30 18.23 -23.42 16.40
C VAL C 30 16.92 -23.52 15.59
N ILE C 31 16.82 -22.76 14.51
CA ILE C 31 15.58 -22.75 13.70
C ILE C 31 15.42 -24.09 13.01
N ASN C 32 16.53 -24.70 12.60
CA ASN C 32 16.46 -26.01 11.97
C ASN C 32 15.92 -27.04 12.97
N ASP C 33 16.36 -26.94 14.22
CA ASP C 33 15.89 -27.85 15.26
C ASP C 33 14.40 -27.70 15.55
N ILE C 34 13.95 -26.44 15.61
CA ILE C 34 12.51 -26.08 15.69
C ILE C 34 11.72 -26.78 14.59
N ILE C 35 12.21 -26.65 13.35
CA ILE C 35 11.50 -27.13 12.19
C ILE C 35 11.38 -28.66 12.26
N ALA C 36 12.44 -29.31 12.75
CA ALA C 36 12.45 -30.76 12.94
C ALA C 36 11.38 -31.13 13.97
N ASP C 37 11.26 -30.31 15.01
CA ASP C 37 10.21 -30.52 16.02
C ASP C 37 8.81 -30.39 15.43
N ILE C 38 8.59 -29.40 14.56
CA ILE C 38 7.30 -29.23 13.89
C ILE C 38 6.94 -30.49 13.08
N LYS C 39 7.93 -31.06 12.40
CA LYS C 39 7.71 -32.22 11.51
C LYS C 39 7.32 -33.43 12.33
N LYS C 40 7.97 -33.60 13.48
CA LYS C 40 7.64 -34.69 14.38
C LYS C 40 6.21 -34.62 14.85
N ARG C 41 5.75 -33.43 15.26
CA ARG C 41 4.36 -33.29 15.69
C ARG C 41 3.35 -33.20 14.55
N GLN C 42 3.71 -32.54 13.45
CA GLN C 42 2.74 -32.34 12.39
C GLN C 42 2.98 -33.34 11.26
N SER C 43 2.23 -34.44 11.30
CA SER C 43 2.65 -35.76 10.76
C SER C 43 1.92 -36.10 9.48
N THR C 44 0.73 -35.54 9.31
CA THR C 44 -0.14 -35.95 8.21
C THR C 44 -0.57 -34.72 7.39
N PRO C 45 -1.09 -34.94 6.17
CA PRO C 45 -1.61 -33.82 5.36
C PRO C 45 -2.83 -33.12 5.97
N GLU C 46 -3.34 -33.62 7.09
CA GLU C 46 -4.53 -33.02 7.70
C GLU C 46 -4.17 -32.31 8.98
N THR C 47 -2.95 -32.50 9.45
CA THR C 47 -2.48 -31.93 10.71
C THR C 47 -1.24 -31.05 10.54
N ARG C 48 -1.12 -30.32 9.44
CA ARG C 48 0.08 -29.50 9.28
C ARG C 48 -0.22 -27.99 9.17
N PRO C 49 -0.73 -27.39 10.27
CA PRO C 49 -1.10 -25.97 10.21
C PRO C 49 0.10 -25.01 10.26
N GLY C 50 1.29 -25.53 10.59
CA GLY C 50 2.49 -24.71 10.66
C GLY C 50 2.76 -24.16 12.06
N ALA C 51 3.44 -23.02 12.11
CA ALA C 51 3.97 -22.53 13.37
C ALA C 51 4.54 -21.12 13.23
N VAL C 52 4.78 -20.46 14.34
CA VAL C 52 5.48 -19.21 14.35
C VAL C 52 6.78 -19.25 15.12
N VAL C 53 7.83 -18.81 14.47
CA VAL C 53 9.11 -18.74 15.13
C VAL C 53 9.39 -17.27 15.49
N ILE C 54 9.52 -17.00 16.77
CA ILE C 54 9.60 -15.60 17.24
C ILE C 54 11.04 -15.20 17.50
N ILE C 55 11.47 -14.11 16.88
CA ILE C 55 12.82 -13.58 17.10
C ILE C 55 12.85 -12.27 17.89
N PRO C 56 13.11 -12.34 19.21
CA PRO C 56 13.21 -11.10 19.99
C PRO C 56 14.35 -10.22 19.48
N PRO C 57 14.28 -8.91 19.75
CA PRO C 57 15.34 -8.05 19.29
C PRO C 57 16.64 -8.48 19.96
N GLY C 58 17.74 -8.45 19.19
CA GLY C 58 19.03 -8.94 19.67
C GLY C 58 19.95 -9.16 18.50
N ASP C 59 21.23 -9.41 18.79
CA ASP C 59 22.21 -9.82 17.77
C ASP C 59 22.36 -11.34 17.74
N TYR C 60 22.12 -11.92 16.58
CA TYR C 60 22.20 -13.37 16.43
C TYR C 60 23.06 -13.68 15.23
N ASP C 61 24.06 -14.54 15.43
CA ASP C 61 24.81 -15.10 14.31
C ASP C 61 24.09 -16.30 13.69
N LEU C 62 24.20 -16.41 12.37
CA LEU C 62 23.69 -17.57 11.67
C LEU C 62 24.83 -18.18 10.85
N HIS C 63 25.18 -19.42 11.21
CA HIS C 63 26.22 -20.18 10.52
C HIS C 63 25.62 -21.24 9.66
N THR C 64 24.51 -21.81 10.12
CA THR C 64 23.85 -22.94 9.45
C THR C 64 22.64 -22.46 8.69
N GLN C 65 22.65 -22.72 7.39
CA GLN C 65 21.50 -22.57 6.51
C GLN C 65 20.21 -23.18 7.08
N VAL C 66 19.16 -22.35 7.15
CA VAL C 66 17.85 -22.83 7.55
C VAL C 66 17.13 -23.30 6.31
N VAL C 67 16.68 -24.54 6.34
CA VAL C 67 15.88 -25.10 5.26
C VAL C 67 14.40 -25.04 5.63
N VAL C 68 13.64 -24.21 4.93
CA VAL C 68 12.21 -24.10 5.21
C VAL C 68 11.40 -24.94 4.25
N ASP C 69 10.82 -26.03 4.74
CA ASP C 69 10.03 -26.91 3.86
C ASP C 69 8.66 -27.25 4.45
N VAL C 70 8.08 -26.31 5.19
CA VAL C 70 6.72 -26.53 5.68
C VAL C 70 5.86 -25.33 5.38
N ASP C 71 4.62 -25.61 5.03
CA ASP C 71 3.61 -24.59 4.78
C ASP C 71 3.31 -23.78 6.04
N TYR C 72 2.94 -22.52 5.86
CA TYR C 72 2.42 -21.71 6.96
C TYR C 72 3.43 -21.61 8.11
N LEU C 73 4.72 -21.62 7.76
CA LEU C 73 5.75 -21.22 8.72
C LEU C 73 5.83 -19.70 8.71
N THR C 74 5.57 -19.08 9.86
CA THR C 74 5.80 -17.64 10.06
C THR C 74 7.08 -17.43 10.84
N ILE C 75 8.02 -16.71 10.26
CA ILE C 75 9.21 -16.28 11.01
C ILE C 75 9.11 -14.79 11.23
N ALA C 76 8.95 -14.40 12.49
CA ALA C 76 8.66 -13.00 12.80
C ALA C 76 9.57 -12.45 13.90
N GLY C 77 9.99 -11.20 13.73
CA GLY C 77 10.75 -10.49 14.75
C GLY C 77 9.97 -9.29 15.22
N PHE C 78 10.64 -8.32 15.82
CA PHE C 78 9.95 -7.11 16.28
C PHE C 78 10.44 -5.79 15.69
N GLY C 79 11.25 -5.87 14.63
CA GLY C 79 11.75 -4.68 13.95
C GLY C 79 12.78 -4.99 12.87
N HIS C 80 12.77 -4.20 11.81
CA HIS C 80 13.61 -4.44 10.64
C HIS C 80 15.05 -4.02 10.82
N GLY C 81 15.33 -3.25 11.88
CA GLY C 81 16.70 -2.93 12.29
C GLY C 81 17.66 -2.33 11.28
N PHE C 82 17.17 -1.67 10.23
CA PHE C 82 18.07 -1.17 9.19
C PHE C 82 19.10 -0.13 9.65
N PHE C 83 20.31 -0.27 9.12
CA PHE C 83 21.44 0.63 9.41
C PHE C 83 22.31 0.70 8.14
N SER C 84 22.70 1.91 7.73
CA SER C 84 23.59 2.09 6.61
C SER C 84 25.03 1.64 6.91
N ARG C 85 25.40 0.45 6.46
CA ARG C 85 26.77 -0.03 6.62
C ARG C 85 27.59 0.66 5.53
N SER C 86 26.93 1.14 4.50
CA SER C 86 27.64 1.77 3.40
C SER C 86 28.18 3.15 3.81
N ILE C 87 27.43 3.91 4.59
CA ILE C 87 27.95 5.17 5.11
C ILE C 87 29.01 4.87 6.16
N LYS C 88 28.70 3.94 7.07
CA LYS C 88 29.61 3.58 8.14
C LYS C 88 31.00 3.23 7.59
N ASP C 89 31.03 2.35 6.59
CA ASP C 89 32.26 1.89 5.96
C ASP C 89 33.07 2.98 5.27
N ASN C 90 32.43 4.08 4.92
CA ASN C 90 33.09 5.07 4.08
C ASN C 90 33.37 6.42 4.74
N VAL C 91 33.00 6.57 6.00
CA VAL C 91 33.26 7.83 6.69
C VAL C 91 33.99 7.57 8.02
N ASP C 92 34.50 8.64 8.63
CA ASP C 92 35.05 8.58 9.99
C ASP C 92 33.93 8.36 11.01
N THR C 93 34.03 7.29 11.79
CA THR C 93 33.00 6.93 12.74
C THR C 93 33.39 7.25 14.18
N THR C 94 34.45 8.03 14.36
CA THR C 94 34.91 8.34 15.72
C THR C 94 33.79 8.90 16.56
N GLY C 95 33.54 8.34 17.73
CA GLY C 95 32.42 8.81 18.54
C GLY C 95 31.02 8.31 18.18
N TRP C 96 30.88 7.63 17.05
CA TRP C 96 29.61 6.91 16.74
C TRP C 96 29.03 6.06 17.85
N LEU C 97 27.76 6.31 18.15
CA LEU C 97 27.07 5.57 19.19
C LEU C 97 26.63 4.15 18.75
N ASN C 98 26.58 3.92 17.44
CA ASN C 98 26.21 2.61 16.89
C ASN C 98 26.97 2.29 15.62
N LEU C 99 27.28 1.01 15.42
CA LEU C 99 28.13 0.60 14.30
C LEU C 99 27.60 -0.57 13.46
N GLN C 100 26.42 -1.12 13.81
CA GLN C 100 25.83 -2.19 13.00
C GLN C 100 24.30 -2.12 13.02
N PRO C 101 23.64 -2.82 12.08
CA PRO C 101 22.20 -3.01 12.19
C PRO C 101 21.79 -3.70 13.51
N GLY C 102 20.51 -3.59 13.85
CA GLY C 102 19.96 -4.21 15.07
C GLY C 102 18.55 -4.70 14.83
N GLY C 103 17.63 -4.35 15.72
CA GLY C 103 16.30 -4.95 15.71
C GLY C 103 16.40 -6.43 16.00
N SER C 104 15.58 -7.22 15.33
CA SER C 104 15.66 -8.67 15.41
C SER C 104 16.74 -9.10 14.39
N HIS C 105 17.99 -9.09 14.83
CA HIS C 105 19.15 -8.91 13.93
C HIS C 105 19.85 -10.22 13.61
N ILE C 106 19.63 -10.73 12.42
CA ILE C 106 20.35 -11.94 11.99
C ILE C 106 21.55 -11.60 11.14
N ARG C 107 22.74 -11.91 11.67
CA ARG C 107 24.00 -11.72 10.99
C ARG C 107 24.26 -12.98 10.17
N VAL C 108 24.23 -12.83 8.85
CA VAL C 108 24.31 -13.96 7.94
C VAL C 108 25.78 -14.34 7.68
N LEU C 109 26.17 -15.51 8.17
CA LEU C 109 27.56 -15.96 8.12
C LEU C 109 27.61 -17.34 7.50
N THR C 110 26.86 -17.52 6.43
CA THR C 110 26.74 -18.81 5.79
C THR C 110 28.03 -19.24 5.06
N PRO C 111 28.30 -20.56 5.02
CA PRO C 111 29.39 -21.08 4.20
C PRO C 111 29.13 -20.94 2.70
N PRO C 112 30.21 -20.93 1.89
CA PRO C 112 30.12 -20.97 0.42
C PRO C 112 29.26 -22.14 -0.08
N THR C 113 29.30 -23.25 0.66
CA THR C 113 28.58 -24.45 0.28
C THR C 113 27.07 -24.31 0.57
N SER C 114 26.71 -23.38 1.45
CA SER C 114 25.30 -23.18 1.81
C SER C 114 24.96 -21.71 2.00
N PRO C 115 25.00 -20.92 0.90
CA PRO C 115 25.19 -19.47 0.95
C PRO C 115 23.94 -18.70 1.44
N GLN C 116 22.75 -19.23 1.15
CA GLN C 116 21.49 -18.59 1.52
C GLN C 116 21.10 -18.83 2.99
N ALA C 117 20.82 -17.76 3.73
CA ALA C 117 20.45 -17.87 5.14
C ALA C 117 19.20 -18.74 5.31
N PHE C 118 18.15 -18.42 4.53
CA PHE C 118 16.94 -19.20 4.50
C PHE C 118 16.73 -19.74 3.10
N LEU C 119 16.75 -21.07 2.99
CA LEU C 119 16.43 -21.72 1.74
C LEU C 119 15.04 -22.31 1.86
N VAL C 120 14.13 -21.72 1.08
CA VAL C 120 12.74 -22.13 1.14
C VAL C 120 12.46 -23.01 -0.06
N ARG C 121 12.35 -24.31 0.23
CA ARG C 121 12.39 -25.33 -0.81
C ARG C 121 11.73 -26.63 -0.37
N ARG C 122 10.85 -27.15 -1.21
CA ARG C 122 10.32 -28.47 -1.00
C ARG C 122 10.32 -29.23 -2.31
N ASP C 123 11.07 -30.33 -2.36
CA ASP C 123 11.17 -31.10 -3.59
C ASP C 123 9.95 -31.97 -3.77
N GLY C 124 9.26 -32.29 -2.68
CA GLY C 124 8.03 -33.07 -2.78
C GLY C 124 6.91 -32.22 -3.33
N SER C 125 5.69 -32.42 -2.85
CA SER C 125 4.57 -31.65 -3.35
C SER C 125 3.42 -31.57 -2.32
N PRO C 126 2.45 -30.65 -2.51
CA PRO C 126 2.31 -29.66 -3.57
C PRO C 126 3.22 -28.45 -3.32
N ARG C 127 2.89 -27.33 -3.96
CA ARG C 127 3.64 -26.07 -3.80
C ARG C 127 3.64 -25.64 -2.33
N LEU C 128 4.73 -25.01 -1.89
CA LEU C 128 4.73 -24.42 -0.55
C LEU C 128 3.75 -23.24 -0.51
N SER C 129 2.92 -23.21 0.54
CA SER C 129 1.83 -22.21 0.65
C SER C 129 1.92 -21.40 1.94
N GLY C 130 1.58 -20.11 1.84
CA GLY C 130 1.28 -19.29 3.01
C GLY C 130 2.42 -19.07 4.00
N ILE C 131 3.66 -19.21 3.53
CA ILE C 131 4.80 -18.88 4.36
C ILE C 131 4.98 -17.35 4.55
N VAL C 132 5.33 -16.92 5.76
CA VAL C 132 5.40 -15.50 6.08
C VAL C 132 6.77 -15.20 6.71
N PHE C 133 7.55 -14.33 6.07
CA PHE C 133 8.66 -13.68 6.77
C PHE C 133 8.29 -12.23 7.14
N LYS C 134 8.57 -11.82 8.37
CA LYS C 134 8.25 -10.46 8.75
C LYS C 134 8.99 -9.90 9.96
N ASP C 135 9.27 -8.60 9.87
CA ASP C 135 9.68 -7.79 11.02
C ASP C 135 11.01 -8.24 11.60
N PHE C 136 11.91 -8.73 10.76
CA PHE C 136 13.27 -8.95 11.19
C PHE C 136 14.33 -8.51 10.20
N CYS C 137 15.60 -8.63 10.61
CA CYS C 137 16.72 -8.05 9.88
C CYS C 137 17.68 -9.16 9.44
N LEU C 138 18.00 -9.15 8.15
CA LEU C 138 19.00 -10.04 7.59
C LEU C 138 20.17 -9.20 7.07
N ASP C 139 21.33 -9.45 7.65
CA ASP C 139 22.48 -8.55 7.51
C ASP C 139 23.69 -9.42 7.12
N GLY C 140 24.31 -9.10 5.99
CA GLY C 140 25.40 -9.91 5.45
C GLY C 140 26.76 -9.49 5.99
N VAL C 141 26.73 -8.50 6.90
CA VAL C 141 27.86 -8.07 7.72
C VAL C 141 28.90 -7.25 6.96
N SER C 142 29.41 -7.78 5.86
CA SER C 142 30.31 -7.00 5.04
C SER C 142 30.40 -7.45 3.61
N PHE C 143 30.96 -6.58 2.78
CA PHE C 143 31.18 -6.95 1.39
C PHE C 143 32.63 -7.37 1.16
N VAL C 144 32.87 -8.09 0.06
CA VAL C 144 34.07 -8.91 -0.11
C VAL C 144 34.79 -8.45 -1.39
N PRO C 145 36.06 -8.04 -1.29
CA PRO C 145 36.90 -8.00 -0.10
C PRO C 145 36.87 -6.65 0.61
N ASP C 146 36.25 -5.65 -0.01
CA ASP C 146 36.06 -4.38 0.68
C ASP C 146 34.58 -4.07 0.76
N GLY C 147 34.26 -3.02 1.51
CA GLY C 147 32.88 -2.63 1.74
C GLY C 147 32.17 -2.16 0.50
N ASN C 148 32.92 -1.77 -0.53
CA ASN C 148 32.28 -1.16 -1.68
C ASN C 148 32.02 -2.07 -2.87
N SER C 149 32.27 -3.36 -2.68
CA SER C 149 32.15 -4.33 -3.77
C SER C 149 30.71 -4.74 -4.10
N TYR C 150 29.82 -4.71 -3.10
CA TYR C 150 28.49 -5.28 -3.27
C TYR C 150 28.53 -6.77 -3.64
N LYS C 151 29.60 -7.45 -3.25
CA LYS C 151 29.72 -8.90 -3.45
C LYS C 151 30.07 -9.59 -2.15
N ASN C 152 29.33 -10.65 -1.82
CA ASN C 152 29.76 -11.57 -0.77
C ASN C 152 29.31 -13.02 -0.89
N GLY C 153 28.58 -13.36 -1.94
CA GLY C 153 28.06 -14.70 -2.13
C GLY C 153 26.90 -15.14 -1.22
N LYS C 154 26.44 -14.23 -0.36
CA LYS C 154 25.32 -14.48 0.57
C LYS C 154 23.94 -14.09 0.00
N THR C 155 22.92 -14.86 0.39
CA THR C 155 21.52 -14.54 0.08
C THR C 155 20.71 -14.62 1.37
N GLY C 156 19.78 -13.67 1.54
CA GLY C 156 18.92 -13.60 2.72
C GLY C 156 17.84 -14.68 2.68
N ILE C 157 16.91 -14.55 1.74
CA ILE C 157 15.87 -15.54 1.59
C ILE C 157 15.85 -15.92 0.14
N ASP C 158 15.91 -17.22 -0.11
CA ASP C 158 15.86 -17.81 -1.45
C ASP C 158 14.72 -18.84 -1.51
N VAL C 159 13.63 -18.47 -2.18
CA VAL C 159 12.53 -19.41 -2.35
C VAL C 159 12.73 -20.15 -3.66
N ALA C 160 13.15 -21.41 -3.56
CA ALA C 160 13.62 -22.15 -4.74
C ALA C 160 12.60 -23.11 -5.41
N SER C 161 11.42 -23.26 -4.86
CA SER C 161 10.43 -24.11 -5.52
C SER C 161 9.11 -23.38 -5.64
N ASP C 162 8.27 -23.82 -6.57
CA ASP C 162 7.02 -23.12 -6.87
C ASP C 162 6.22 -22.94 -5.58
N ASN C 163 5.56 -21.80 -5.45
CA ASN C 163 5.01 -21.39 -4.14
C ASN C 163 3.77 -20.57 -4.36
N ASP C 164 2.89 -20.54 -3.36
CA ASP C 164 1.63 -19.82 -3.46
C ASP C 164 1.34 -19.05 -2.16
N SER C 165 0.89 -17.81 -2.29
CA SER C 165 0.47 -16.99 -1.17
C SER C 165 1.55 -16.77 -0.09
N ILE C 166 2.79 -16.60 -0.52
CA ILE C 166 3.86 -16.17 0.37
C ILE C 166 3.80 -14.66 0.64
N HIS C 167 4.14 -14.28 1.87
CA HIS C 167 3.99 -12.90 2.32
C HIS C 167 5.26 -12.45 2.99
N ILE C 168 5.93 -11.46 2.40
CA ILE C 168 7.15 -10.92 2.96
C ILE C 168 6.97 -9.44 3.31
N THR C 169 7.05 -9.13 4.60
CA THR C 169 6.60 -7.82 5.00
C THR C 169 7.30 -7.30 6.23
N GLY C 170 7.55 -5.98 6.26
CA GLY C 170 8.21 -5.34 7.41
C GLY C 170 9.63 -5.81 7.64
N MET C 171 10.24 -6.32 6.57
CA MET C 171 11.60 -6.85 6.67
C MET C 171 12.66 -5.75 6.56
N GLY C 172 13.87 -6.07 7.01
CA GLY C 172 15.07 -5.31 6.66
C GLY C 172 16.16 -6.20 6.11
N PHE C 173 16.73 -5.79 4.98
CA PHE C 173 17.85 -6.47 4.33
C PHE C 173 18.95 -5.44 4.10
N VAL C 174 20.18 -5.81 4.43
CA VAL C 174 21.33 -4.94 4.23
C VAL C 174 22.60 -5.77 4.04
N TYR C 175 23.44 -5.35 3.10
CA TYR C 175 24.76 -5.97 2.85
C TYR C 175 24.72 -7.46 2.48
N LEU C 176 23.68 -7.87 1.77
CA LEU C 176 23.62 -9.19 1.19
C LEU C 176 23.85 -9.02 -0.30
N GLU C 177 24.53 -9.97 -0.93
CA GLU C 177 24.64 -9.91 -2.39
C GLU C 177 23.27 -10.09 -3.08
N HIS C 178 22.42 -10.93 -2.52
CA HIS C 178 21.04 -11.14 -2.98
C HIS C 178 20.16 -11.11 -1.76
N ALA C 179 19.29 -10.11 -1.65
CA ALA C 179 18.45 -9.98 -0.44
C ALA C 179 17.37 -11.05 -0.49
N LEU C 180 16.53 -10.97 -1.50
CA LEU C 180 15.37 -11.82 -1.64
C LEU C 180 15.28 -12.37 -3.06
N ILE C 181 15.06 -13.67 -3.13
CA ILE C 181 14.85 -14.38 -4.38
C ILE C 181 13.64 -15.27 -4.22
N VAL C 182 12.70 -15.15 -5.13
CA VAL C 182 11.55 -16.03 -5.12
C VAL C 182 11.35 -16.61 -6.52
N ARG C 183 11.50 -17.92 -6.61
CA ARG C 183 11.33 -18.58 -7.91
C ARG C 183 9.93 -19.17 -7.97
N GLY C 184 9.26 -18.97 -9.09
CA GLY C 184 7.98 -19.61 -9.34
C GLY C 184 6.89 -19.05 -8.44
N ALA C 185 6.84 -17.71 -8.31
CA ALA C 185 5.95 -17.07 -7.36
C ALA C 185 4.52 -17.01 -7.89
N ASP C 186 3.57 -17.49 -7.10
CA ASP C 186 2.16 -17.25 -7.39
C ASP C 186 1.48 -16.55 -6.19
N ALA C 187 0.80 -15.45 -6.48
CA ALA C 187 0.07 -14.74 -5.42
C ALA C 187 1.02 -14.33 -4.28
N LEU C 188 2.21 -13.89 -4.69
CA LEU C 188 3.23 -13.40 -3.75
C LEU C 188 3.01 -11.91 -3.46
N ARG C 189 3.22 -11.54 -2.22
CA ARG C 189 3.23 -10.14 -1.86
C ARG C 189 4.57 -9.80 -1.19
N VAL C 190 5.31 -8.87 -1.79
CA VAL C 190 6.50 -8.32 -1.17
C VAL C 190 6.15 -6.88 -0.82
N HIS C 191 5.84 -6.63 0.44
CA HIS C 191 5.08 -5.44 0.83
C HIS C 191 5.71 -4.76 2.02
N ASP C 192 5.97 -3.46 1.87
CA ASP C 192 6.35 -2.61 2.99
C ASP C 192 7.62 -3.13 3.67
N ASN C 193 8.70 -3.21 2.90
CA ASN C 193 10.00 -3.66 3.39
C ASN C 193 11.04 -2.60 3.12
N MET C 194 12.17 -2.74 3.83
CA MET C 194 13.33 -1.91 3.61
C MET C 194 14.43 -2.83 3.04
N VAL C 195 14.75 -2.67 1.76
CA VAL C 195 15.69 -3.57 1.09
C VAL C 195 16.78 -2.74 0.41
N ALA C 196 17.87 -2.48 1.12
CA ALA C 196 18.85 -1.49 0.66
C ALA C 196 20.29 -1.90 0.97
N GLU C 197 21.22 -1.32 0.22
CA GLU C 197 22.64 -1.67 0.30
C GLU C 197 22.88 -3.16 0.13
N CYS C 198 22.20 -3.75 -0.85
CA CYS C 198 22.39 -5.14 -1.22
C CYS C 198 22.85 -5.15 -2.66
N GLY C 199 23.57 -6.19 -3.09
CA GLY C 199 24.00 -6.29 -4.49
C GLY C 199 22.78 -6.35 -5.40
N ASN C 200 21.79 -7.10 -4.92
CA ASN C 200 20.54 -7.37 -5.63
C ASN C 200 19.47 -7.36 -4.54
N CYS C 201 18.34 -6.75 -4.85
CA CYS C 201 17.29 -6.56 -3.86
C CYS C 201 16.18 -7.63 -3.92
N VAL C 202 15.36 -7.60 -4.96
CA VAL C 202 14.30 -8.60 -5.08
C VAL C 202 14.33 -9.23 -6.46
N GLU C 203 14.58 -10.53 -6.50
CA GLU C 203 14.62 -11.27 -7.76
C GLU C 203 13.47 -12.27 -7.85
N LEU C 204 12.58 -12.00 -8.80
CA LEU C 204 11.43 -12.84 -9.00
C LEU C 204 11.65 -13.70 -10.24
N THR C 205 12.14 -14.91 -10.04
CA THR C 205 12.82 -15.65 -11.10
C THR C 205 11.96 -16.79 -11.66
N GLY C 206 12.39 -17.31 -12.80
CA GLY C 206 11.80 -18.50 -13.39
C GLY C 206 10.50 -18.16 -14.09
N ALA C 207 9.44 -17.95 -13.32
CA ALA C 207 8.18 -17.44 -13.82
C ALA C 207 7.31 -17.13 -12.60
N GLY C 208 6.16 -16.50 -12.83
CA GLY C 208 5.26 -16.19 -11.75
C GLY C 208 3.99 -15.56 -12.26
N GLN C 209 3.03 -15.36 -11.36
CA GLN C 209 1.82 -14.61 -11.69
C GLN C 209 1.15 -14.04 -10.46
N ALA C 210 0.19 -13.14 -10.71
CA ALA C 210 -0.69 -12.60 -9.67
C ALA C 210 0.09 -12.05 -8.48
N THR C 211 1.20 -11.39 -8.73
CA THR C 211 2.07 -10.94 -7.65
C THR C 211 1.98 -9.42 -7.46
N ILE C 212 2.15 -8.98 -6.22
CA ILE C 212 2.21 -7.55 -5.89
C ILE C 212 3.52 -7.21 -5.20
N VAL C 213 4.20 -6.19 -5.72
CA VAL C 213 5.36 -5.63 -5.03
C VAL C 213 5.03 -4.17 -4.70
N SER C 214 4.81 -3.89 -3.42
CA SER C 214 4.27 -2.58 -3.04
C SER C 214 4.90 -1.97 -1.78
N ASP C 215 5.00 -0.65 -1.79
CA ASP C 215 5.32 0.16 -0.62
C ASP C 215 6.70 -0.15 -0.06
N ASN C 216 7.58 -0.64 -0.92
CA ASN C 216 8.95 -0.99 -0.51
C ASN C 216 9.92 0.16 -0.74
N LEU C 217 10.94 0.22 0.13
CA LEU C 217 12.08 1.10 -0.06
C LEU C 217 13.25 0.23 -0.51
N MET C 218 13.78 0.51 -1.70
CA MET C 218 14.80 -0.35 -2.27
C MET C 218 15.95 0.41 -2.93
N GLY C 219 17.16 -0.09 -2.70
CA GLY C 219 18.35 0.40 -3.37
C GLY C 219 19.42 -0.70 -3.42
N ALA C 220 19.93 -0.95 -4.62
CA ALA C 220 20.82 -2.08 -4.91
C ALA C 220 22.26 -1.61 -5.26
N GLY C 221 23.06 -2.50 -5.85
CA GLY C 221 24.42 -2.18 -6.30
C GLY C 221 24.61 -2.16 -7.82
N PRO C 222 25.74 -1.58 -8.28
CA PRO C 222 25.90 -1.22 -9.70
C PRO C 222 26.00 -2.39 -10.66
N GLU C 223 26.32 -3.59 -10.19
CA GLU C 223 26.23 -4.76 -11.06
C GLU C 223 25.00 -5.63 -10.84
N GLY C 224 24.12 -5.24 -9.91
CA GLY C 224 22.97 -6.07 -9.56
C GLY C 224 21.63 -5.42 -9.83
N VAL C 225 20.55 -6.15 -9.65
CA VAL C 225 19.23 -5.58 -9.88
C VAL C 225 18.60 -5.04 -8.61
N THR C 226 17.66 -4.12 -8.79
CA THR C 226 16.83 -3.72 -7.69
C THR C 226 15.58 -4.61 -7.66
N LEU C 227 14.63 -4.40 -8.56
CA LEU C 227 13.59 -5.41 -8.79
C LEU C 227 13.81 -6.05 -10.14
N LEU C 228 13.90 -7.38 -10.14
CA LEU C 228 13.92 -8.18 -11.37
C LEU C 228 12.69 -9.07 -11.43
N ALA C 229 12.08 -9.16 -12.60
CA ALA C 229 11.07 -10.21 -12.82
C ALA C 229 11.32 -10.94 -14.11
N GLU C 230 11.29 -12.28 -14.02
CA GLU C 230 11.45 -13.17 -15.17
C GLU C 230 10.16 -13.89 -15.44
N ASN C 231 9.61 -13.67 -16.62
CA ASN C 231 8.46 -14.40 -17.11
C ASN C 231 7.28 -14.29 -16.18
N HIS C 232 7.05 -13.07 -15.67
CA HIS C 232 5.85 -12.78 -14.92
C HIS C 232 4.67 -12.39 -15.75
N GLU C 233 3.52 -12.86 -15.31
CA GLU C 233 2.25 -12.45 -15.87
C GLU C 233 1.50 -11.72 -14.77
N GLY C 234 0.90 -10.57 -15.07
CA GLY C 234 0.01 -9.91 -14.12
C GLY C 234 0.68 -9.49 -12.81
N LEU C 235 1.98 -9.19 -12.87
CA LEU C 235 2.69 -8.57 -11.75
C LEU C 235 2.31 -7.08 -11.59
N LEU C 236 1.96 -6.68 -10.37
CA LEU C 236 1.63 -5.28 -10.07
C LEU C 236 2.74 -4.66 -9.20
N VAL C 237 3.38 -3.62 -9.72
CA VAL C 237 4.50 -2.99 -9.00
C VAL C 237 4.11 -1.56 -8.70
N THR C 238 3.80 -1.28 -7.43
CA THR C 238 3.14 -0.01 -7.11
C THR C 238 3.48 0.56 -5.74
N GLY C 239 3.55 1.90 -5.67
CA GLY C 239 3.83 2.61 -4.42
C GLY C 239 5.24 2.36 -3.88
N ASN C 240 6.14 1.95 -4.75
CA ASN C 240 7.53 1.73 -4.32
C ASN C 240 8.41 2.97 -4.49
N ASN C 241 9.38 3.09 -3.59
CA ASN C 241 10.38 4.13 -3.69
C ASN C 241 11.74 3.50 -3.99
N PHE C 242 12.12 3.51 -5.25
CA PHE C 242 13.36 2.91 -5.71
C PHE C 242 14.40 4.02 -5.82
N PHE C 243 15.53 3.74 -5.19
CA PHE C 243 16.65 4.69 -5.25
C PHE C 243 17.96 3.92 -5.40
N PRO C 244 19.07 4.61 -5.24
CA PRO C 244 20.41 3.98 -5.14
C PRO C 244 21.15 3.63 -6.31
N ARG C 245 21.89 2.54 -6.18
CA ARG C 245 22.82 2.26 -7.21
C ARG C 245 22.71 0.94 -7.93
N GLY C 246 21.50 0.43 -8.15
CA GLY C 246 21.41 -0.78 -8.95
C GLY C 246 21.83 -0.52 -10.38
N ARG C 247 22.24 -1.56 -11.07
CA ARG C 247 22.48 -1.39 -12.50
C ARG C 247 21.17 -0.95 -13.12
N SER C 248 20.08 -1.38 -12.51
CA SER C 248 18.74 -0.99 -12.93
C SER C 248 17.88 -0.95 -11.67
N LEU C 249 16.72 -0.30 -11.79
CA LEU C 249 15.76 -0.20 -10.70
C LEU C 249 14.59 -1.14 -10.95
N LEU C 250 14.21 -1.28 -12.21
CA LEU C 250 13.21 -2.27 -12.57
C LEU C 250 13.61 -2.97 -13.87
N GLU C 251 13.77 -4.29 -13.79
CA GLU C 251 14.18 -5.09 -14.93
C GLU C 251 13.19 -6.23 -15.11
N PHE C 252 12.54 -6.22 -16.26
CA PHE C 252 11.60 -7.28 -16.64
C PHE C 252 12.23 -7.98 -17.84
N THR C 253 12.25 -9.31 -17.80
CA THR C 253 12.54 -10.07 -19.00
C THR C 253 11.40 -11.03 -19.31
N GLY C 254 10.84 -10.91 -20.51
CA GLY C 254 9.70 -11.76 -20.93
C GLY C 254 8.48 -11.60 -20.03
N CYS C 255 8.34 -10.45 -19.37
CA CYS C 255 7.15 -10.21 -18.57
C CYS C 255 6.02 -9.65 -19.42
N ASN C 256 4.81 -10.16 -19.24
CA ASN C 256 3.67 -9.75 -20.04
C ASN C 256 2.51 -9.31 -19.17
N ARG C 257 1.75 -8.31 -19.65
CA ARG C 257 0.49 -7.91 -18.98
C ARG C 257 0.74 -7.58 -17.52
N CYS C 258 1.85 -6.90 -17.26
CA CYS C 258 2.18 -6.42 -15.94
C CYS C 258 1.93 -4.89 -15.87
N SER C 259 1.90 -4.37 -14.66
CA SER C 259 1.66 -2.96 -14.44
C SER C 259 2.72 -2.45 -13.49
N VAL C 260 3.44 -1.41 -13.92
CA VAL C 260 4.33 -0.65 -13.06
C VAL C 260 3.81 0.78 -12.97
N THR C 261 3.29 1.12 -11.79
CA THR C 261 2.38 2.25 -11.66
C THR C 261 2.50 2.87 -10.29
N SER C 262 2.59 4.21 -10.28
CA SER C 262 2.62 4.98 -9.03
C SER C 262 3.84 4.65 -8.20
N ASN C 263 4.99 4.59 -8.83
CA ASN C 263 6.25 4.43 -8.10
C ASN C 263 7.12 5.69 -8.22
N ARG C 264 8.19 5.71 -7.43
CA ARG C 264 9.22 6.73 -7.53
C ARG C 264 10.57 6.06 -7.87
N PHE C 265 11.22 6.54 -8.94
CA PHE C 265 12.46 5.95 -9.43
C PHE C 265 13.60 6.97 -9.43
N GLN C 266 14.64 6.73 -8.64
CA GLN C 266 15.84 7.56 -8.71
C GLN C 266 17.09 6.71 -8.98
N GLY C 267 17.76 7.01 -10.10
CA GLY C 267 18.96 6.29 -10.52
C GLY C 267 20.11 7.21 -10.93
N PHE C 268 21.31 6.65 -10.94
CA PHE C 268 22.53 7.39 -11.31
C PHE C 268 23.13 6.95 -12.65
N TYR C 269 22.54 5.94 -13.30
CA TYR C 269 23.04 5.44 -14.59
C TYR C 269 21.93 5.31 -15.62
N PRO C 270 22.29 5.25 -16.90
CA PRO C 270 21.31 4.81 -17.89
C PRO C 270 20.73 3.41 -17.55
N GLY C 271 19.56 3.08 -18.10
CA GLY C 271 19.00 1.74 -17.93
C GLY C 271 18.28 1.53 -16.62
N MET C 272 17.66 2.60 -16.08
CA MET C 272 16.95 2.49 -14.80
C MET C 272 15.79 1.51 -14.93
N MET C 273 15.12 1.55 -16.07
CA MET C 273 14.04 0.61 -16.36
C MET C 273 14.32 -0.11 -17.67
N ARG C 274 14.25 -1.44 -17.62
CA ARG C 274 14.59 -2.29 -18.75
C ARG C 274 13.46 -3.27 -18.90
N LEU C 275 12.77 -3.19 -20.03
CA LEU C 275 11.76 -4.17 -20.39
C LEU C 275 12.33 -5.03 -21.53
N LEU C 276 12.91 -6.18 -21.15
CA LEU C 276 13.77 -6.96 -22.04
C LEU C 276 13.14 -8.23 -22.60
N ASN C 277 13.67 -8.68 -23.74
CA ASN C 277 13.32 -9.98 -24.31
C ASN C 277 11.83 -10.23 -24.47
N GLY C 278 11.13 -9.31 -25.11
CA GLY C 278 9.75 -9.53 -25.52
C GLY C 278 8.68 -9.24 -24.46
N CYS C 279 8.96 -8.29 -23.57
CA CYS C 279 7.93 -7.80 -22.65
C CYS C 279 6.75 -7.15 -23.42
N LYS C 280 5.56 -7.69 -23.26
CA LYS C 280 4.44 -7.15 -23.99
C LYS C 280 3.21 -6.79 -23.16
N GLU C 281 2.46 -5.79 -23.64
CA GLU C 281 1.15 -5.45 -23.10
C GLU C 281 1.22 -5.05 -21.63
N ASN C 282 2.31 -4.36 -21.29
CA ASN C 282 2.52 -3.85 -19.94
C ASN C 282 2.14 -2.38 -19.83
N LEU C 283 1.65 -1.99 -18.66
CA LEU C 283 1.30 -0.61 -18.39
C LEU C 283 2.42 0.05 -17.57
N ILE C 284 3.08 1.04 -18.13
CA ILE C 284 4.13 1.77 -17.40
C ILE C 284 3.69 3.22 -17.20
N THR C 285 3.16 3.52 -16.02
CA THR C 285 2.33 4.72 -15.94
C THR C 285 2.34 5.36 -14.57
N SER C 286 2.19 6.68 -14.55
CA SER C 286 2.06 7.45 -13.32
C SER C 286 3.28 7.25 -12.41
N ASN C 287 4.47 7.19 -13.02
CA ASN C 287 5.70 7.05 -12.27
C ASN C 287 6.53 8.32 -12.35
N HIS C 288 7.37 8.54 -11.34
CA HIS C 288 8.36 9.61 -11.39
C HIS C 288 9.75 9.04 -11.59
N PHE C 289 10.42 9.45 -12.67
CA PHE C 289 11.79 9.02 -12.96
C PHE C 289 12.77 10.17 -12.81
N ARG C 290 13.80 9.94 -12.01
CA ARG C 290 14.87 10.93 -11.81
C ARG C 290 16.22 10.30 -12.20
N ARG C 291 16.78 10.73 -13.32
CA ARG C 291 18.15 10.36 -13.73
C ARG C 291 19.14 11.46 -13.32
N GLY C 292 19.96 11.14 -12.32
CA GLY C 292 20.96 12.06 -11.83
C GLY C 292 22.34 11.44 -11.79
N THR C 293 23.18 11.96 -10.92
CA THR C 293 24.59 11.63 -10.94
C THR C 293 25.11 11.31 -9.55
N GLU C 294 25.96 10.29 -9.44
CA GLU C 294 26.50 9.88 -8.13
C GLU C 294 27.09 11.07 -7.34
N GLY C 295 26.75 11.18 -6.06
CA GLY C 295 27.23 12.25 -5.19
C GLY C 295 28.09 11.77 -4.03
N PHE C 296 28.12 10.47 -3.78
CA PHE C 296 28.89 9.90 -2.66
C PHE C 296 30.28 9.51 -3.19
N PRO C 297 31.34 10.21 -2.70
CA PRO C 297 32.68 10.13 -3.29
C PRO C 297 33.21 8.72 -3.57
N PRO C 298 33.10 7.78 -2.62
CA PRO C 298 33.63 6.44 -2.91
C PRO C 298 33.03 5.80 -4.16
N PHE C 299 31.91 6.32 -4.67
CA PHE C 299 31.29 5.67 -5.83
C PHE C 299 31.31 6.49 -7.10
N ILE C 300 31.94 7.68 -7.06
CA ILE C 300 31.89 8.61 -8.20
C ILE C 300 32.33 7.95 -9.51
N ASP C 301 33.36 7.13 -9.46
CA ASP C 301 33.92 6.63 -10.70
C ASP C 301 33.40 5.27 -11.14
N ARG C 302 32.42 4.73 -10.42
CA ARG C 302 31.83 3.48 -10.89
C ARG C 302 30.47 3.62 -11.58
N THR C 303 30.30 2.84 -12.65
CA THR C 303 29.12 2.95 -13.48
C THR C 303 28.54 1.56 -13.71
N ASN C 304 27.36 1.46 -14.30
CA ASN C 304 26.86 0.18 -14.77
C ASN C 304 27.31 -0.20 -16.18
N GLY C 305 28.20 0.58 -16.77
CA GLY C 305 28.81 0.21 -18.05
C GLY C 305 28.01 0.56 -19.28
N LEU C 306 26.88 1.26 -19.10
CA LEU C 306 26.02 1.61 -20.24
C LEU C 306 26.14 3.10 -20.59
N ASP C 307 25.87 3.44 -21.84
CA ASP C 307 25.89 4.85 -22.23
C ASP C 307 24.47 5.45 -22.24
N ASP C 308 24.39 6.77 -22.47
CA ASP C 308 23.15 7.53 -22.37
C ASP C 308 22.21 7.40 -23.56
N LEU C 309 22.65 6.67 -24.57
CA LEU C 309 21.76 6.26 -25.67
C LEU C 309 21.04 4.96 -25.34
N TYR C 310 21.33 4.40 -24.18
CA TYR C 310 20.61 3.19 -23.75
C TYR C 310 19.14 3.45 -23.38
N GLY C 311 18.84 4.65 -22.86
CA GLY C 311 17.49 5.02 -22.42
C GLY C 311 17.34 5.00 -20.90
N VAL C 312 16.65 5.99 -20.33
CA VAL C 312 16.11 5.87 -18.97
C VAL C 312 15.15 4.69 -18.90
N ILE C 313 14.24 4.62 -19.88
CA ILE C 313 13.46 3.40 -20.13
C ILE C 313 13.98 2.76 -21.43
N HIS C 314 14.35 1.48 -21.35
CA HIS C 314 14.81 0.71 -22.50
C HIS C 314 13.81 -0.41 -22.74
N ALA C 315 13.06 -0.35 -23.86
CA ALA C 315 11.96 -1.29 -24.11
C ALA C 315 12.16 -2.14 -25.37
N MET C 316 12.08 -3.46 -25.19
CA MET C 316 12.10 -4.42 -26.30
C MET C 316 10.88 -5.35 -26.17
N GLY C 317 9.86 -5.12 -26.98
CA GLY C 317 8.64 -5.90 -26.84
C GLY C 317 7.45 -5.19 -27.46
N ASP C 318 6.26 -5.73 -27.23
CA ASP C 318 5.08 -5.35 -28.01
C ASP C 318 4.02 -4.68 -27.17
N ASN C 319 3.36 -3.68 -27.73
CA ASN C 319 2.08 -3.24 -27.25
C ASN C 319 2.07 -2.74 -25.80
N ASN C 320 3.20 -2.19 -25.37
CA ASN C 320 3.27 -1.55 -24.07
C ASN C 320 2.69 -0.14 -24.11
N LEU C 321 2.05 0.25 -23.01
CA LEU C 321 1.68 1.64 -22.80
C LEU C 321 2.61 2.29 -21.78
N ILE C 322 3.44 3.20 -22.28
CA ILE C 322 4.31 4.03 -21.45
C ILE C 322 3.81 5.46 -21.43
N SER C 323 3.08 5.81 -20.37
CA SER C 323 2.28 7.01 -20.38
C SER C 323 2.30 7.68 -19.03
N ASN C 324 2.07 8.99 -19.06
CA ASN C 324 1.75 9.72 -17.85
C ASN C 324 2.87 9.64 -16.84
N ASN C 325 4.11 9.71 -17.33
CA ASN C 325 5.28 9.72 -16.47
C ASN C 325 6.00 11.06 -16.50
N LEU C 326 6.63 11.42 -15.39
CA LEU C 326 7.53 12.53 -15.38
C LEU C 326 8.99 12.04 -15.37
N PHE C 327 9.81 12.60 -16.27
CA PHE C 327 11.23 12.28 -16.29
C PHE C 327 12.06 13.54 -16.07
N ALA C 328 12.91 13.50 -15.05
CA ALA C 328 13.76 14.63 -14.71
C ALA C 328 15.19 14.17 -14.84
N TYR C 329 15.84 14.58 -15.92
CA TYR C 329 17.22 14.19 -16.21
C TYR C 329 18.18 15.36 -15.96
N ASP C 330 19.20 15.11 -15.15
CA ASP C 330 20.16 16.14 -14.78
C ASP C 330 21.55 15.53 -14.63
N VAL C 331 22.30 15.47 -15.74
CA VAL C 331 23.66 14.95 -15.71
C VAL C 331 24.70 15.94 -16.28
N PRO C 332 25.77 16.22 -15.51
CA PRO C 332 26.85 17.08 -16.02
C PRO C 332 27.32 16.61 -17.40
N PRO C 333 27.41 17.55 -18.34
CA PRO C 333 27.80 17.33 -19.73
C PRO C 333 29.04 16.46 -19.89
N GLY C 334 30.04 16.69 -19.03
CA GLY C 334 31.25 15.89 -19.05
C GLY C 334 31.06 14.48 -18.56
N LYS C 335 29.83 14.15 -18.13
CA LYS C 335 29.55 12.81 -17.60
C LYS C 335 28.63 12.02 -18.53
N ILE C 336 28.20 12.64 -19.62
CA ILE C 336 27.33 11.98 -20.57
C ILE C 336 28.18 11.14 -21.53
N ALA C 337 27.70 9.95 -21.89
CA ALA C 337 28.44 9.08 -22.81
C ALA C 337 27.53 8.63 -23.94
N PRO C 338 28.00 8.59 -25.20
CA PRO C 338 29.34 9.02 -25.61
C PRO C 338 29.45 10.54 -25.55
N ALA C 339 30.67 11.09 -25.60
CA ALA C 339 30.86 12.54 -25.43
C ALA C 339 30.10 13.30 -26.52
N GLY C 340 29.28 14.28 -26.13
CA GLY C 340 28.53 15.06 -27.11
C GLY C 340 27.17 14.52 -27.53
N ALA C 341 26.81 13.32 -27.09
CA ALA C 341 25.51 12.70 -27.46
C ALA C 341 24.30 13.41 -26.82
N GLN C 342 23.14 13.39 -27.47
CA GLN C 342 21.89 13.66 -26.75
C GLN C 342 21.49 12.38 -26.05
N PRO C 343 21.36 12.41 -24.72
CA PRO C 343 20.76 11.29 -23.98
C PRO C 343 19.38 10.92 -24.48
N THR C 344 19.06 9.64 -24.41
CA THR C 344 17.73 9.16 -24.72
C THR C 344 16.99 8.84 -23.43
N ILE C 345 15.73 9.28 -23.36
CA ILE C 345 14.89 9.07 -22.18
C ILE C 345 14.09 7.78 -22.33
N MET C 346 13.31 7.68 -23.39
CA MET C 346 12.65 6.41 -23.71
C MET C 346 13.19 5.87 -25.04
N LEU C 347 13.85 4.70 -24.98
CA LEU C 347 14.27 3.98 -26.18
C LEU C 347 13.39 2.76 -26.42
N ILE C 348 12.70 2.77 -27.56
CA ILE C 348 12.03 1.59 -28.08
C ILE C 348 13.03 0.84 -28.98
N ALA C 349 13.67 -0.17 -28.41
CA ALA C 349 14.78 -0.86 -29.05
C ALA C 349 14.29 -1.78 -30.15
N GLY C 350 12.99 -2.09 -30.12
CA GLY C 350 12.37 -3.06 -31.02
C GLY C 350 10.99 -3.41 -30.50
N GLY C 351 10.16 -3.95 -31.39
CA GLY C 351 8.81 -4.39 -31.04
C GLY C 351 7.72 -3.64 -31.78
N ASP C 352 6.50 -4.15 -31.66
CA ASP C 352 5.36 -3.69 -32.43
C ASP C 352 4.27 -3.01 -31.58
N GLY C 353 3.75 -1.87 -32.05
CA GLY C 353 2.56 -1.25 -31.45
C GLY C 353 2.71 -0.58 -30.07
N ASN C 354 3.93 -0.24 -29.64
CA ASN C 354 4.10 0.51 -28.39
C ASN C 354 3.51 1.92 -28.48
N VAL C 355 2.88 2.34 -27.39
CA VAL C 355 2.21 3.65 -27.30
C VAL C 355 2.83 4.48 -26.17
N ILE C 356 3.32 5.67 -26.53
CA ILE C 356 4.03 6.52 -25.59
C ILE C 356 3.23 7.81 -25.54
N ALA C 357 2.58 8.07 -24.40
CA ALA C 357 1.58 9.14 -24.35
C ALA C 357 1.66 9.99 -23.10
N THR C 358 1.55 11.29 -23.30
CA THR C 358 1.51 12.27 -22.20
C THR C 358 2.62 12.10 -21.13
N ASN C 359 3.86 12.13 -21.59
CA ASN C 359 5.02 12.13 -20.72
C ASN C 359 5.69 13.51 -20.70
N HIS C 360 6.10 13.96 -19.54
CA HIS C 360 6.79 15.24 -19.46
C HIS C 360 8.24 15.01 -19.11
N VAL C 361 9.12 15.49 -19.97
CA VAL C 361 10.56 15.37 -19.80
C VAL C 361 11.18 16.74 -19.45
N ILE C 362 12.07 16.77 -18.46
CA ILE C 362 12.95 17.92 -18.24
C ILE C 362 14.38 17.43 -18.17
N SER C 363 15.27 18.07 -18.94
CA SER C 363 16.71 17.74 -18.91
C SER C 363 17.59 18.99 -18.93
N ASN C 364 18.77 18.91 -18.32
CA ASN C 364 19.74 20.00 -18.40
C ASN C 364 20.40 20.18 -19.78
N VAL C 365 20.35 19.16 -20.63
CA VAL C 365 20.94 19.29 -21.96
C VAL C 365 19.88 18.87 -22.98
N ASP C 366 20.16 19.04 -24.26
CA ASP C 366 19.26 18.55 -25.29
C ASP C 366 19.15 17.04 -25.19
N THR C 367 17.91 16.55 -25.12
CA THR C 367 17.66 15.11 -25.08
C THR C 367 16.64 14.74 -26.14
N GLN C 368 16.73 13.50 -26.61
CA GLN C 368 15.64 12.87 -27.31
C GLN C 368 14.71 12.19 -26.30
N HIS C 369 13.50 12.73 -26.15
CA HIS C 369 12.50 12.19 -25.20
C HIS C 369 12.20 10.75 -25.56
N VAL C 370 12.01 10.50 -26.85
CA VAL C 370 11.81 9.14 -27.36
C VAL C 370 12.78 8.89 -28.52
N VAL C 371 13.43 7.71 -28.55
CA VAL C 371 13.99 7.19 -29.79
C VAL C 371 13.38 5.84 -30.14
N LEU C 372 12.89 5.72 -31.37
CA LEU C 372 12.39 4.45 -31.88
C LEU C 372 13.39 3.79 -32.85
N ASP C 373 13.83 2.57 -32.51
CA ASP C 373 14.82 1.87 -33.32
C ASP C 373 14.22 1.63 -34.70
N GLY C 374 15.08 1.47 -35.71
CA GLY C 374 14.64 1.18 -37.08
C GLY C 374 13.77 -0.05 -37.16
N SER C 375 13.96 -1.00 -36.25
CA SER C 375 13.09 -2.20 -36.22
C SER C 375 11.72 -2.03 -35.53
N ALA C 376 11.48 -0.87 -34.91
CA ALA C 376 10.18 -0.60 -34.27
C ALA C 376 9.07 -0.54 -35.32
N THR C 377 7.90 -1.13 -35.04
CA THR C 377 6.81 -1.06 -36.00
C THR C 377 5.51 -0.58 -35.33
N ARG C 378 4.70 0.16 -36.09
CA ARG C 378 3.36 0.59 -35.64
C ARG C 378 3.33 1.32 -34.30
N SER C 379 4.37 2.10 -34.02
CA SER C 379 4.44 2.88 -32.79
C SER C 379 3.60 4.17 -32.78
N LYS C 380 3.12 4.58 -31.58
CA LYS C 380 2.51 5.90 -31.39
C LYS C 380 3.21 6.71 -30.29
N VAL C 381 3.47 7.97 -30.61
CA VAL C 381 4.03 8.94 -29.66
C VAL C 381 3.13 10.17 -29.60
N LEU C 382 2.45 10.37 -28.47
CA LEU C 382 1.53 11.48 -28.26
C LEU C 382 1.99 12.37 -27.10
N ASP C 383 2.10 13.68 -27.35
CA ASP C 383 2.29 14.65 -26.29
C ASP C 383 3.41 14.28 -25.34
N SER C 384 4.55 13.86 -25.87
CA SER C 384 5.67 13.56 -25.00
C SER C 384 6.86 14.39 -25.41
N GLY C 385 6.60 15.56 -26.01
CA GLY C 385 7.65 16.43 -26.51
C GLY C 385 7.38 17.02 -27.88
N ALA C 386 8.12 18.08 -28.21
CA ALA C 386 8.05 18.65 -29.55
C ALA C 386 8.64 17.67 -30.57
N ALA C 387 8.29 17.87 -31.84
CA ALA C 387 8.84 17.07 -32.93
C ALA C 387 10.37 16.95 -32.88
N SER C 388 11.05 18.04 -32.51
CA SER C 388 12.50 18.02 -32.29
C SER C 388 13.01 16.91 -31.37
N THR C 389 12.16 16.47 -30.44
CA THR C 389 12.61 15.58 -29.36
C THR C 389 12.24 14.11 -29.58
N ILE C 390 11.51 13.84 -30.65
CA ILE C 390 11.13 12.47 -31.03
C ILE C 390 11.92 12.00 -32.26
N THR C 391 12.78 11.01 -32.08
CA THR C 391 13.51 10.43 -33.21
C THR C 391 13.00 9.06 -33.55
N SER C 392 12.38 8.92 -34.73
CA SER C 392 12.04 7.62 -35.25
C SER C 392 12.98 7.24 -36.40
N TYR C 393 13.84 6.25 -36.18
CA TYR C 393 14.55 5.63 -37.30
C TYR C 393 13.63 4.72 -38.07
N SER C 394 12.60 4.24 -37.41
CA SER C 394 11.52 3.54 -38.09
C SER C 394 10.67 4.48 -38.93
N PRO C 395 10.31 4.05 -40.15
CA PRO C 395 9.56 4.91 -41.05
C PRO C 395 8.07 5.06 -40.72
N ASP C 396 7.55 4.31 -39.75
CA ASP C 396 6.09 4.18 -39.65
C ASP C 396 5.47 4.68 -38.33
N THR C 397 6.24 5.42 -37.55
CA THR C 397 5.79 5.91 -36.25
C THR C 397 4.81 7.10 -36.42
N ALA C 398 3.63 7.00 -35.83
CA ALA C 398 2.71 8.15 -35.76
C ALA C 398 3.10 9.07 -34.60
N ILE C 399 3.31 10.34 -34.89
CA ILE C 399 3.80 11.29 -33.90
C ILE C 399 2.88 12.51 -33.81
N ARG C 400 2.30 12.77 -32.66
CA ARG C 400 1.73 14.06 -32.35
C ARG C 400 2.65 14.84 -31.42
N PRO C 401 3.22 15.92 -31.89
CA PRO C 401 4.00 16.71 -30.97
C PRO C 401 3.11 17.40 -29.93
N THR C 402 3.66 17.49 -28.74
CA THR C 402 3.19 18.36 -27.72
C THR C 402 2.92 19.74 -28.32
N PRO C 403 1.72 20.27 -28.13
CA PRO C 403 1.44 21.64 -28.58
C PRO C 403 2.36 22.65 -27.95
#